data_1WHC
#
_entry.id   1WHC
#
_entity_poly.entity_id   1
_entity_poly.type   'polypeptide(L)'
_entity_poly.pdbx_seq_one_letter_code
;GSSGSSGAELTALESLIEMGFPRGRAEKALALTGNQGIEAAMDWLMEHEDDPDVDEPLSGPSSG
;
_entity_poly.pdbx_strand_id   A
#
# COMPACT_ATOMS: atom_id res chain seq x y z
N GLY A 1 16.59 -8.88 -0.79
CA GLY A 1 15.76 -9.07 -1.97
C GLY A 1 15.70 -10.55 -2.37
N SER A 2 14.68 -10.88 -3.15
CA SER A 2 14.50 -12.25 -3.60
C SER A 2 14.37 -12.28 -5.13
N SER A 3 13.37 -11.55 -5.62
CA SER A 3 13.13 -11.49 -7.05
C SER A 3 12.94 -10.04 -7.48
N GLY A 4 13.34 -9.76 -8.71
CA GLY A 4 13.23 -8.42 -9.26
C GLY A 4 13.66 -8.39 -10.73
N SER A 5 12.81 -8.95 -11.58
CA SER A 5 13.09 -8.99 -13.00
C SER A 5 11.99 -8.26 -13.77
N SER A 6 12.42 -7.52 -14.79
CA SER A 6 11.49 -6.76 -15.60
C SER A 6 10.74 -5.74 -14.74
N GLY A 7 10.32 -4.66 -15.39
CA GLY A 7 9.59 -3.61 -14.70
C GLY A 7 8.31 -3.25 -15.45
N ALA A 8 7.24 -3.93 -15.09
CA ALA A 8 5.95 -3.69 -15.72
C ALA A 8 5.04 -2.95 -14.73
N GLU A 9 3.85 -2.61 -15.21
CA GLU A 9 2.88 -1.90 -14.39
C GLU A 9 1.52 -2.59 -14.45
N LEU A 10 1.28 -3.44 -13.45
CA LEU A 10 0.02 -4.16 -13.39
C LEU A 10 -1.11 -3.19 -13.07
N THR A 11 -1.05 -2.60 -11.89
CA THR A 11 -2.06 -1.65 -11.46
C THR A 11 -1.50 -0.73 -10.38
N ALA A 12 -2.25 0.32 -10.09
CA ALA A 12 -1.85 1.29 -9.09
C ALA A 12 -1.52 0.55 -7.78
N LEU A 13 -2.31 -0.48 -7.52
CA LEU A 13 -2.11 -1.26 -6.31
C LEU A 13 -0.82 -2.07 -6.43
N GLU A 14 -0.85 -3.03 -7.35
CA GLU A 14 0.31 -3.88 -7.58
C GLU A 14 1.59 -3.03 -7.57
N SER A 15 1.58 -1.99 -8.39
CA SER A 15 2.72 -1.11 -8.49
C SER A 15 3.27 -0.79 -7.10
N LEU A 16 2.36 -0.40 -6.22
CA LEU A 16 2.74 -0.07 -4.85
C LEU A 16 3.39 -1.29 -4.20
N ILE A 17 2.71 -2.43 -4.32
CA ILE A 17 3.22 -3.66 -3.75
C ILE A 17 4.66 -3.87 -4.19
N GLU A 18 4.95 -3.43 -5.41
CA GLU A 18 6.29 -3.56 -5.96
C GLU A 18 7.30 -2.80 -5.08
N MET A 19 6.76 -1.93 -4.23
CA MET A 19 7.60 -1.15 -3.35
C MET A 19 7.79 -1.85 -2.00
N GLY A 20 7.35 -3.10 -1.96
CA GLY A 20 7.47 -3.89 -0.74
C GLY A 20 6.45 -3.44 0.31
N PHE A 21 5.38 -2.83 -0.17
CA PHE A 21 4.33 -2.34 0.71
C PHE A 21 3.23 -3.39 0.89
N PRO A 22 2.57 -3.33 2.06
CA PRO A 22 1.50 -4.27 2.37
C PRO A 22 0.22 -3.93 1.59
N ARG A 23 -0.40 -4.98 1.07
CA ARG A 23 -1.62 -4.80 0.31
C ARG A 23 -2.64 -3.97 1.10
N GLY A 24 -2.99 -4.48 2.27
CA GLY A 24 -3.94 -3.80 3.13
C GLY A 24 -3.73 -2.29 3.09
N ARG A 25 -2.47 -1.89 3.17
CA ARG A 25 -2.12 -0.48 3.14
C ARG A 25 -2.39 0.11 1.75
N ALA A 26 -1.60 -0.36 0.78
CA ALA A 26 -1.75 0.11 -0.58
C ALA A 26 -3.23 0.24 -0.92
N GLU A 27 -3.93 -0.88 -0.79
CA GLU A 27 -5.36 -0.91 -1.08
C GLU A 27 -6.08 0.19 -0.30
N LYS A 28 -5.91 0.15 1.01
CA LYS A 28 -6.53 1.13 1.89
C LYS A 28 -6.21 2.54 1.38
N ALA A 29 -4.93 2.78 1.17
CA ALA A 29 -4.47 4.07 0.69
C ALA A 29 -5.17 4.40 -0.64
N LEU A 30 -4.87 3.58 -1.64
CA LEU A 30 -5.46 3.77 -2.95
C LEU A 30 -6.94 4.12 -2.80
N ALA A 31 -7.64 3.29 -2.03
CA ALA A 31 -9.05 3.49 -1.79
C ALA A 31 -9.26 4.84 -1.11
N LEU A 32 -8.52 5.05 -0.04
CA LEU A 32 -8.61 6.29 0.72
C LEU A 32 -8.46 7.47 -0.25
N THR A 33 -7.40 7.41 -1.05
CA THR A 33 -7.13 8.46 -2.01
C THR A 33 -8.23 8.50 -3.06
N GLY A 34 -8.60 7.33 -3.55
CA GLY A 34 -9.64 7.23 -4.57
C GLY A 34 -9.08 6.61 -5.85
N ASN A 35 -8.22 5.62 -5.67
CA ASN A 35 -7.63 4.93 -6.80
C ASN A 35 -7.27 5.96 -7.88
N GLN A 36 -6.48 6.95 -7.48
CA GLN A 36 -6.07 7.99 -8.40
C GLN A 36 -4.73 7.64 -9.03
N GLY A 37 -3.79 7.24 -8.18
CA GLY A 37 -2.46 6.88 -8.64
C GLY A 37 -1.54 6.54 -7.46
N ILE A 38 -0.28 6.30 -7.78
CA ILE A 38 0.70 5.97 -6.77
C ILE A 38 1.01 7.21 -5.94
N GLU A 39 1.65 8.18 -6.59
CA GLU A 39 2.00 9.42 -5.94
C GLU A 39 0.89 9.85 -4.98
N ALA A 40 -0.33 9.84 -5.49
CA ALA A 40 -1.48 10.22 -4.71
C ALA A 40 -1.58 9.32 -3.47
N ALA A 41 -1.55 8.02 -3.74
CA ALA A 41 -1.64 7.04 -2.68
C ALA A 41 -0.47 7.22 -1.72
N MET A 42 0.74 7.08 -2.27
CA MET A 42 1.95 7.24 -1.48
C MET A 42 1.79 8.36 -0.45
N ASP A 43 1.40 9.53 -0.95
CA ASP A 43 1.21 10.69 -0.10
C ASP A 43 0.54 10.24 1.22
N TRP A 44 -0.54 9.49 1.07
CA TRP A 44 -1.28 9.01 2.23
C TRP A 44 -0.32 8.14 3.06
N LEU A 45 0.20 7.11 2.41
CA LEU A 45 1.12 6.20 3.07
C LEU A 45 2.16 7.01 3.86
N MET A 46 2.99 7.74 3.12
CA MET A 46 4.01 8.55 3.73
C MET A 46 3.47 9.30 4.96
N GLU A 47 2.24 9.76 4.83
CA GLU A 47 1.59 10.49 5.91
C GLU A 47 1.25 9.53 7.05
N HIS A 48 0.77 8.36 6.68
CA HIS A 48 0.41 7.36 7.66
C HIS A 48 1.61 6.46 7.96
N GLU A 49 2.77 6.92 7.52
CA GLU A 49 4.00 6.17 7.73
C GLU A 49 4.18 5.83 9.21
N ASP A 50 3.54 6.64 10.05
CA ASP A 50 3.61 6.43 11.48
C ASP A 50 2.20 6.20 12.03
N ASP A 51 1.33 5.70 11.16
CA ASP A 51 -0.04 5.42 11.54
C ASP A 51 -0.06 4.80 12.93
N PRO A 52 -1.13 5.14 13.70
CA PRO A 52 -1.29 4.62 15.05
C PRO A 52 -1.72 3.15 15.02
N ASP A 53 -2.50 2.81 14.01
CA ASP A 53 -2.99 1.45 13.86
C ASP A 53 -3.52 1.27 12.44
N VAL A 54 -2.58 1.04 11.52
CA VAL A 54 -2.94 0.84 10.13
C VAL A 54 -3.67 -0.50 9.98
N ASP A 55 -3.38 -1.40 10.91
CA ASP A 55 -4.00 -2.71 10.89
C ASP A 55 -4.31 -3.14 12.33
N GLU A 56 -5.37 -2.57 12.86
CA GLU A 56 -5.79 -2.88 14.22
C GLU A 56 -5.87 -4.40 14.41
N PRO A 57 -5.64 -4.82 15.69
CA PRO A 57 -5.68 -6.24 16.02
C PRO A 57 -7.12 -6.75 16.07
N LEU A 58 -7.30 -7.97 15.60
CA LEU A 58 -8.62 -8.59 15.58
C LEU A 58 -8.62 -9.80 16.51
N SER A 59 -8.59 -9.52 17.80
CA SER A 59 -8.58 -10.58 18.79
C SER A 59 -8.49 -9.98 20.20
N GLY A 60 -7.48 -9.16 20.39
CA GLY A 60 -7.27 -8.52 21.68
C GLY A 60 -5.92 -8.92 22.29
N PRO A 61 -5.42 -8.05 23.20
CA PRO A 61 -4.14 -8.30 23.85
C PRO A 61 -4.28 -9.40 24.91
N SER A 62 -3.78 -10.57 24.57
CA SER A 62 -3.84 -11.71 25.47
C SER A 62 -2.44 -12.08 25.95
N SER A 63 -1.97 -11.35 26.95
CA SER A 63 -0.65 -11.59 27.50
C SER A 63 0.41 -11.45 26.39
N GLY A 64 1.65 -11.30 26.82
CA GLY A 64 2.77 -11.16 25.89
C GLY A 64 3.00 -9.68 25.55
N GLY A 1 4.73 12.34 -15.80
CA GLY A 1 6.06 12.70 -16.28
C GLY A 1 6.81 11.47 -16.77
N SER A 2 7.26 10.67 -15.81
CA SER A 2 8.00 9.46 -16.13
C SER A 2 9.34 9.83 -16.78
N SER A 3 10.41 9.50 -16.08
CA SER A 3 11.74 9.78 -16.58
C SER A 3 12.57 8.50 -16.62
N GLY A 4 12.72 7.98 -17.83
CA GLY A 4 13.48 6.74 -18.04
C GLY A 4 12.63 5.69 -18.74
N SER A 5 12.89 4.43 -18.38
CA SER A 5 12.16 3.32 -18.96
C SER A 5 11.07 2.85 -18.00
N SER A 6 9.98 2.39 -18.59
CA SER A 6 8.86 1.90 -17.79
C SER A 6 8.59 0.43 -18.11
N GLY A 7 8.47 -0.36 -17.05
CA GLY A 7 8.22 -1.79 -17.21
C GLY A 7 7.69 -2.39 -15.90
N ALA A 8 7.24 -3.63 -16.01
CA ALA A 8 6.71 -4.33 -14.85
C ALA A 8 5.74 -3.41 -14.10
N GLU A 9 4.54 -3.29 -14.65
CA GLU A 9 3.53 -2.45 -14.06
C GLU A 9 2.15 -3.12 -14.17
N LEU A 10 1.85 -3.96 -13.20
CA LEU A 10 0.58 -4.66 -13.17
C LEU A 10 -0.56 -3.65 -13.04
N THR A 11 -0.58 -2.98 -11.90
CA THR A 11 -1.60 -1.99 -11.64
C THR A 11 -1.12 -0.98 -10.59
N ALA A 12 -1.97 0.00 -10.32
CA ALA A 12 -1.64 1.02 -9.34
C ALA A 12 -1.39 0.36 -7.98
N LEU A 13 -2.21 -0.62 -7.67
CA LEU A 13 -2.08 -1.34 -6.41
C LEU A 13 -0.77 -2.12 -6.41
N GLU A 14 -0.72 -3.12 -7.27
CA GLU A 14 0.47 -3.96 -7.38
C GLU A 14 1.73 -3.09 -7.32
N SER A 15 1.79 -2.11 -8.21
CA SER A 15 2.92 -1.22 -8.27
C SER A 15 3.39 -0.88 -6.85
N LEU A 16 2.50 -0.25 -6.09
CA LEU A 16 2.81 0.13 -4.73
C LEU A 16 3.41 -1.07 -3.99
N ILE A 17 2.72 -2.20 -4.10
CA ILE A 17 3.17 -3.42 -3.45
C ILE A 17 4.59 -3.73 -3.90
N GLU A 18 4.85 -3.47 -5.17
CA GLU A 18 6.16 -3.72 -5.75
C GLU A 18 7.24 -3.03 -4.90
N MET A 19 6.94 -1.81 -4.49
CA MET A 19 7.87 -1.04 -3.69
C MET A 19 8.18 -1.76 -2.37
N GLY A 20 7.27 -2.64 -1.98
CA GLY A 20 7.44 -3.38 -0.74
C GLY A 20 6.39 -2.98 0.29
N PHE A 21 5.25 -2.52 -0.21
CA PHE A 21 4.17 -2.10 0.65
C PHE A 21 3.13 -3.21 0.81
N PRO A 22 2.46 -3.22 2.00
CA PRO A 22 1.45 -4.22 2.29
C PRO A 22 0.16 -3.92 1.52
N ARG A 23 -0.42 -4.98 0.97
CA ARG A 23 -1.65 -4.85 0.21
C ARG A 23 -2.65 -3.99 0.97
N GLY A 24 -3.02 -4.46 2.15
CA GLY A 24 -3.96 -3.75 3.00
C GLY A 24 -3.73 -2.24 2.92
N ARG A 25 -2.47 -1.85 3.04
CA ARG A 25 -2.10 -0.45 2.99
C ARG A 25 -2.37 0.12 1.60
N ALA A 26 -1.59 -0.36 0.64
CA ALA A 26 -1.74 0.09 -0.74
C ALA A 26 -3.22 0.21 -1.08
N GLU A 27 -3.94 -0.89 -0.87
CA GLU A 27 -5.36 -0.93 -1.14
C GLU A 27 -6.08 0.18 -0.36
N LYS A 28 -6.10 0.02 0.95
CA LYS A 28 -6.74 1.00 1.81
C LYS A 28 -6.37 2.40 1.36
N ALA A 29 -5.07 2.67 1.37
CA ALA A 29 -4.58 3.97 0.97
C ALA A 29 -5.23 4.38 -0.35
N LEU A 30 -4.88 3.66 -1.40
CA LEU A 30 -5.44 3.94 -2.71
C LEU A 30 -6.95 4.11 -2.60
N ALA A 31 -7.54 3.31 -1.72
CA ALA A 31 -8.97 3.37 -1.50
C ALA A 31 -9.36 4.74 -0.95
N LEU A 32 -8.58 5.19 0.03
CA LEU A 32 -8.82 6.48 0.64
C LEU A 32 -8.63 7.58 -0.39
N THR A 33 -7.43 7.61 -0.97
CA THR A 33 -7.11 8.60 -1.98
C THR A 33 -8.17 8.61 -3.09
N GLY A 34 -8.80 7.45 -3.25
CA GLY A 34 -9.83 7.30 -4.27
C GLY A 34 -9.24 6.83 -5.59
N ASN A 35 -8.34 5.85 -5.48
CA ASN A 35 -7.69 5.29 -6.66
C ASN A 35 -7.32 6.42 -7.61
N GLN A 36 -6.36 7.24 -7.16
CA GLN A 36 -5.90 8.36 -7.97
C GLN A 36 -4.65 7.96 -8.76
N GLY A 37 -3.73 7.33 -8.07
CA GLY A 37 -2.49 6.89 -8.69
C GLY A 37 -1.47 6.43 -7.64
N ILE A 38 -0.23 6.30 -8.09
CA ILE A 38 0.84 5.88 -7.20
C ILE A 38 1.12 6.99 -6.19
N GLU A 39 1.57 8.12 -6.71
CA GLU A 39 1.88 9.27 -5.86
C GLU A 39 0.75 9.50 -4.86
N ALA A 40 -0.45 9.68 -5.39
CA ALA A 40 -1.62 9.92 -4.55
C ALA A 40 -1.55 9.01 -3.32
N ALA A 41 -1.43 7.72 -3.58
CA ALA A 41 -1.34 6.74 -2.51
C ALA A 41 -0.11 7.02 -1.66
N MET A 42 1.05 6.84 -2.28
CA MET A 42 2.31 7.06 -1.60
C MET A 42 2.22 8.28 -0.69
N ASP A 43 1.50 9.28 -1.16
CA ASP A 43 1.33 10.50 -0.39
C ASP A 43 0.64 10.18 0.94
N TRP A 44 -0.47 9.48 0.85
CA TRP A 44 -1.22 9.11 2.02
C TRP A 44 -0.38 8.10 2.82
N LEU A 45 -0.02 7.02 2.16
CA LEU A 45 0.78 5.98 2.77
C LEU A 45 1.90 6.63 3.58
N MET A 46 2.53 7.61 2.96
CA MET A 46 3.63 8.32 3.60
C MET A 46 3.13 9.16 4.77
N GLU A 47 1.92 9.69 4.60
CA GLU A 47 1.31 10.51 5.63
C GLU A 47 0.92 9.66 6.84
N HIS A 48 0.55 8.41 6.56
CA HIS A 48 0.15 7.49 7.61
C HIS A 48 1.31 6.54 7.92
N GLU A 49 2.48 6.89 7.40
CA GLU A 49 3.67 6.08 7.60
C GLU A 49 3.95 5.93 9.10
N ASP A 50 3.40 6.86 9.87
CA ASP A 50 3.60 6.85 11.31
C ASP A 50 2.29 6.39 11.99
N ASP A 51 1.52 5.63 11.24
CA ASP A 51 0.25 5.13 11.75
C ASP A 51 0.51 4.25 12.98
N PRO A 52 -0.43 4.34 13.96
CA PRO A 52 -0.31 3.56 15.19
C PRO A 52 -0.64 2.09 14.94
N ASP A 53 -1.71 1.88 14.18
CA ASP A 53 -2.14 0.53 13.87
C ASP A 53 -2.75 0.50 12.47
N VAL A 54 -1.87 0.48 11.48
CA VAL A 54 -2.30 0.45 10.09
C VAL A 54 -2.85 -0.94 9.75
N ASP A 55 -2.28 -1.94 10.42
CA ASP A 55 -2.70 -3.31 10.20
C ASP A 55 -2.33 -4.15 11.42
N GLU A 56 -2.89 -3.77 12.56
CA GLU A 56 -2.64 -4.48 13.80
C GLU A 56 -3.46 -5.77 13.86
N PRO A 57 -2.91 -6.77 14.61
CA PRO A 57 -3.59 -8.04 14.75
C PRO A 57 -4.76 -7.94 15.71
N LEU A 58 -5.78 -8.76 15.46
CA LEU A 58 -6.96 -8.76 16.29
C LEU A 58 -7.33 -10.21 16.63
N SER A 59 -6.60 -10.78 17.57
CA SER A 59 -6.85 -12.15 17.98
C SER A 59 -5.87 -12.54 19.09
N GLY A 60 -6.21 -13.61 19.79
CA GLY A 60 -5.38 -14.10 20.86
C GLY A 60 -3.93 -14.33 20.39
N PRO A 61 -3.03 -13.43 20.84
CA PRO A 61 -1.63 -13.52 20.47
C PRO A 61 -0.93 -14.66 21.22
N SER A 62 0.20 -15.08 20.67
CA SER A 62 0.97 -16.16 21.28
C SER A 62 2.42 -16.08 20.82
N SER A 63 2.60 -16.14 19.50
CA SER A 63 3.92 -16.09 18.92
C SER A 63 3.88 -15.33 17.60
N GLY A 64 4.10 -14.03 17.69
CA GLY A 64 4.09 -13.19 16.51
C GLY A 64 4.91 -13.81 15.38
N GLY A 1 19.11 -6.17 -1.36
CA GLY A 1 17.76 -6.56 -1.72
C GLY A 1 17.26 -7.70 -0.81
N SER A 2 16.02 -7.56 -0.37
CA SER A 2 15.42 -8.56 0.50
C SER A 2 13.91 -8.63 0.24
N SER A 3 13.55 -9.37 -0.81
CA SER A 3 12.16 -9.52 -1.18
C SER A 3 11.54 -8.16 -1.51
N GLY A 4 11.06 -8.05 -2.74
CA GLY A 4 10.45 -6.82 -3.19
C GLY A 4 11.46 -5.95 -3.97
N SER A 5 11.85 -6.45 -5.13
CA SER A 5 12.81 -5.73 -5.96
C SER A 5 13.05 -6.52 -7.25
N SER A 6 12.45 -6.04 -8.32
CA SER A 6 12.60 -6.68 -9.62
C SER A 6 12.40 -5.66 -10.74
N GLY A 7 11.26 -5.00 -10.71
CA GLY A 7 10.94 -4.00 -11.71
C GLY A 7 9.75 -4.43 -12.57
N ALA A 8 8.62 -3.79 -12.32
CA ALA A 8 7.40 -4.11 -13.07
C ALA A 8 6.31 -3.12 -12.67
N GLU A 9 5.22 -3.16 -13.43
CA GLU A 9 4.09 -2.28 -13.17
C GLU A 9 2.79 -2.93 -13.63
N LEU A 10 1.99 -3.33 -12.64
CA LEU A 10 0.71 -3.97 -12.94
C LEU A 10 -0.39 -2.91 -12.92
N THR A 11 -0.62 -2.36 -11.74
CA THR A 11 -1.64 -1.33 -11.58
C THR A 11 -1.21 -0.30 -10.54
N ALA A 12 -2.20 0.21 -9.82
CA ALA A 12 -1.93 1.21 -8.80
C ALA A 12 -1.66 0.50 -7.47
N LEU A 13 -2.29 -0.66 -7.30
CA LEU A 13 -2.12 -1.44 -6.09
C LEU A 13 -0.77 -2.17 -6.14
N GLU A 14 -0.66 -3.05 -7.11
CA GLU A 14 0.58 -3.82 -7.28
C GLU A 14 1.78 -2.88 -7.32
N SER A 15 1.68 -1.87 -8.18
CA SER A 15 2.75 -0.90 -8.32
C SER A 15 3.39 -0.62 -6.96
N LEU A 16 2.53 -0.32 -5.99
CA LEU A 16 2.98 -0.02 -4.65
C LEU A 16 3.52 -1.30 -4.00
N ILE A 17 2.70 -2.33 -4.03
CA ILE A 17 3.08 -3.61 -3.44
C ILE A 17 4.47 -3.99 -3.95
N GLU A 18 4.75 -3.60 -5.18
CA GLU A 18 6.03 -3.90 -5.79
C GLU A 18 7.16 -3.19 -5.04
N MET A 19 6.84 -2.01 -4.54
CA MET A 19 7.80 -1.22 -3.79
C MET A 19 8.19 -1.91 -2.48
N GLY A 20 7.30 -2.79 -2.04
CA GLY A 20 7.53 -3.52 -0.80
C GLY A 20 6.51 -3.14 0.27
N PHE A 21 5.36 -2.69 -0.19
CA PHE A 21 4.29 -2.29 0.71
C PHE A 21 3.24 -3.39 0.85
N PRO A 22 2.56 -3.38 2.03
CA PRO A 22 1.53 -4.38 2.29
C PRO A 22 0.25 -4.06 1.51
N ARG A 23 -0.38 -5.11 1.02
CA ARG A 23 -1.61 -4.96 0.26
C ARG A 23 -2.62 -4.13 1.04
N GLY A 24 -2.95 -4.62 2.23
CA GLY A 24 -3.89 -3.93 3.08
C GLY A 24 -3.72 -2.42 2.99
N ARG A 25 -2.49 -1.98 3.22
CA ARG A 25 -2.18 -0.57 3.17
C ARG A 25 -2.44 -0.01 1.77
N ALA A 26 -1.65 -0.50 0.82
CA ALA A 26 -1.80 -0.06 -0.57
C ALA A 26 -3.28 0.07 -0.91
N GLU A 27 -4.00 -1.02 -0.73
CA GLU A 27 -5.43 -1.04 -1.01
C GLU A 27 -6.13 0.09 -0.25
N LYS A 28 -6.12 -0.03 1.07
CA LYS A 28 -6.75 0.96 1.92
C LYS A 28 -6.38 2.36 1.42
N ALA A 29 -5.09 2.57 1.23
CA ALA A 29 -4.59 3.86 0.76
C ALA A 29 -5.23 4.16 -0.60
N LEU A 30 -4.82 3.37 -1.59
CA LEU A 30 -5.35 3.55 -2.95
C LEU A 30 -6.84 3.88 -2.88
N ALA A 31 -7.50 3.24 -1.92
CA ALA A 31 -8.93 3.46 -1.74
C ALA A 31 -9.17 4.87 -1.20
N LEU A 32 -8.65 5.12 0.00
CA LEU A 32 -8.80 6.41 0.63
C LEU A 32 -8.61 7.51 -0.42
N THR A 33 -7.44 7.48 -1.06
CA THR A 33 -7.12 8.47 -2.07
C THR A 33 -8.24 8.53 -3.11
N GLY A 34 -8.61 7.36 -3.61
CA GLY A 34 -9.67 7.28 -4.61
C GLY A 34 -9.12 6.78 -5.94
N ASN A 35 -8.20 5.82 -5.85
CA ASN A 35 -7.59 5.24 -7.04
C ASN A 35 -7.25 6.36 -8.02
N GLN A 36 -6.55 7.37 -7.50
CA GLN A 36 -6.17 8.50 -8.31
C GLN A 36 -4.82 8.22 -9.00
N GLY A 37 -3.92 7.62 -8.23
CA GLY A 37 -2.60 7.30 -8.75
C GLY A 37 -1.68 6.79 -7.64
N ILE A 38 -0.44 6.53 -8.01
CA ILE A 38 0.54 6.05 -7.05
C ILE A 38 0.94 7.20 -6.12
N GLU A 39 1.49 8.25 -6.72
CA GLU A 39 1.93 9.40 -5.97
C GLU A 39 0.84 9.82 -4.97
N ALA A 40 -0.37 9.91 -5.47
CA ALA A 40 -1.50 10.30 -4.64
C ALA A 40 -1.61 9.33 -3.45
N ALA A 41 -1.45 8.05 -3.76
CA ALA A 41 -1.52 7.03 -2.73
C ALA A 41 -0.33 7.15 -1.80
N MET A 42 0.86 7.02 -2.39
CA MET A 42 2.09 7.13 -1.63
C MET A 42 2.01 8.27 -0.62
N ASP A 43 1.51 9.40 -1.09
CA ASP A 43 1.39 10.57 -0.24
C ASP A 43 0.65 10.19 1.04
N TRP A 44 -0.39 9.38 0.88
CA TRP A 44 -1.18 8.93 2.02
C TRP A 44 -0.25 8.15 2.96
N LEU A 45 0.23 7.02 2.45
CA LEU A 45 1.11 6.17 3.23
C LEU A 45 2.15 7.04 3.93
N MET A 46 2.90 7.79 3.13
CA MET A 46 3.92 8.66 3.67
C MET A 46 3.43 9.40 4.91
N GLU A 47 2.18 9.86 4.82
CA GLU A 47 1.57 10.58 5.93
C GLU A 47 1.29 9.64 7.09
N HIS A 48 0.86 8.43 6.74
CA HIS A 48 0.55 7.43 7.73
C HIS A 48 1.78 6.56 8.00
N GLU A 49 2.92 7.08 7.57
CA GLU A 49 4.17 6.36 7.75
C GLU A 49 4.36 5.99 9.22
N ASP A 50 3.75 6.79 10.09
CA ASP A 50 3.84 6.55 11.52
C ASP A 50 2.44 6.31 12.09
N ASP A 51 1.56 5.82 11.22
CA ASP A 51 0.20 5.54 11.62
C ASP A 51 0.19 4.91 13.01
N PRO A 52 -0.88 5.23 13.79
CA PRO A 52 -1.01 4.71 15.14
C PRO A 52 -1.42 3.24 15.12
N ASP A 53 -2.17 2.87 14.08
CA ASP A 53 -2.62 1.50 13.93
C ASP A 53 -3.23 1.32 12.54
N VAL A 54 -2.37 1.31 11.54
CA VAL A 54 -2.80 1.15 10.17
C VAL A 54 -3.52 -0.20 10.02
N ASP A 55 -2.95 -1.20 10.67
CA ASP A 55 -3.51 -2.54 10.62
C ASP A 55 -3.38 -3.20 11.99
N GLU A 56 -4.16 -2.69 12.93
CA GLU A 56 -4.14 -3.21 14.29
C GLU A 56 -4.28 -4.75 14.27
N PRO A 57 -3.70 -5.38 15.32
CA PRO A 57 -3.75 -6.83 15.43
C PRO A 57 -5.14 -7.29 15.87
N LEU A 58 -5.64 -8.32 15.18
CA LEU A 58 -6.94 -8.87 15.48
C LEU A 58 -6.79 -10.27 16.06
N SER A 59 -6.25 -10.32 17.27
CA SER A 59 -6.04 -11.59 17.95
C SER A 59 -5.77 -11.36 19.44
N GLY A 60 -6.00 -12.40 20.22
CA GLY A 60 -5.78 -12.32 21.65
C GLY A 60 -4.35 -11.89 21.97
N PRO A 61 -4.17 -11.33 23.19
CA PRO A 61 -2.86 -10.87 23.62
C PRO A 61 -1.96 -12.06 24.00
N SER A 62 -0.67 -11.89 23.74
CA SER A 62 0.29 -12.93 24.04
C SER A 62 1.53 -12.31 24.71
N SER A 63 2.07 -11.29 24.06
CA SER A 63 3.24 -10.62 24.58
C SER A 63 3.42 -9.26 23.88
N GLY A 64 3.36 -8.20 24.68
CA GLY A 64 3.51 -6.86 24.15
C GLY A 64 3.15 -5.81 25.20
N GLY A 1 10.17 7.13 -21.35
CA GLY A 1 10.30 5.79 -20.81
C GLY A 1 10.09 4.74 -21.91
N SER A 2 9.33 3.71 -21.56
CA SER A 2 9.04 2.63 -22.50
C SER A 2 8.14 1.59 -21.84
N SER A 3 7.39 0.89 -22.68
CA SER A 3 6.49 -0.14 -22.20
C SER A 3 7.21 -1.04 -21.19
N GLY A 4 6.83 -0.90 -19.93
CA GLY A 4 7.43 -1.69 -18.87
C GLY A 4 8.34 -0.82 -17.99
N SER A 5 7.72 0.13 -17.30
CA SER A 5 8.45 1.02 -16.43
C SER A 5 8.38 0.53 -14.98
N SER A 6 9.48 0.71 -14.27
CA SER A 6 9.55 0.29 -12.88
C SER A 6 9.09 -1.17 -12.75
N GLY A 7 9.97 -2.07 -13.14
CA GLY A 7 9.67 -3.49 -13.07
C GLY A 7 8.22 -3.76 -13.46
N ALA A 8 7.95 -3.71 -14.75
CA ALA A 8 6.61 -3.94 -15.26
C ALA A 8 5.64 -3.02 -14.54
N GLU A 9 4.38 -3.07 -14.98
CA GLU A 9 3.34 -2.25 -14.38
C GLU A 9 1.99 -2.95 -14.47
N LEU A 10 1.63 -3.64 -13.40
CA LEU A 10 0.37 -4.36 -13.35
C LEU A 10 -0.77 -3.37 -13.11
N THR A 11 -0.74 -2.75 -11.94
CA THR A 11 -1.75 -1.78 -11.57
C THR A 11 -1.20 -0.80 -10.53
N ALA A 12 -2.06 0.10 -10.10
CA ALA A 12 -1.68 1.10 -9.11
C ALA A 12 -1.44 0.41 -7.77
N LEU A 13 -2.17 -0.66 -7.55
CA LEU A 13 -2.04 -1.41 -6.31
C LEU A 13 -0.76 -2.24 -6.34
N GLU A 14 -0.72 -3.18 -7.28
CA GLU A 14 0.44 -4.03 -7.42
C GLU A 14 1.72 -3.21 -7.40
N SER A 15 1.74 -2.17 -8.24
CA SER A 15 2.89 -1.29 -8.32
C SER A 15 3.41 -0.97 -6.92
N LEU A 16 2.52 -0.38 -6.13
CA LEU A 16 2.87 -0.01 -4.76
C LEU A 16 3.52 -1.21 -4.06
N ILE A 17 2.80 -2.32 -4.08
CA ILE A 17 3.28 -3.53 -3.45
C ILE A 17 4.70 -3.82 -3.94
N GLU A 18 4.92 -3.59 -5.22
CA GLU A 18 6.21 -3.82 -5.82
C GLU A 18 7.31 -3.17 -4.98
N MET A 19 7.04 -1.93 -4.56
CA MET A 19 7.98 -1.18 -3.75
C MET A 19 8.28 -1.92 -2.45
N GLY A 20 7.34 -2.76 -2.05
CA GLY A 20 7.50 -3.54 -0.82
C GLY A 20 6.46 -3.13 0.22
N PHE A 21 5.33 -2.64 -0.29
CA PHE A 21 4.25 -2.21 0.59
C PHE A 21 3.20 -3.31 0.75
N PRO A 22 2.52 -3.30 1.92
CA PRO A 22 1.51 -4.29 2.21
C PRO A 22 0.22 -4.00 1.43
N ARG A 23 -0.35 -5.07 0.88
CA ARG A 23 -1.57 -4.95 0.10
C ARG A 23 -2.60 -4.12 0.87
N GLY A 24 -2.98 -4.62 2.03
CA GLY A 24 -3.96 -3.94 2.87
C GLY A 24 -3.76 -2.43 2.83
N ARG A 25 -2.54 -2.01 3.17
CA ARG A 25 -2.21 -0.60 3.17
C ARG A 25 -2.49 0.02 1.80
N ALA A 26 -1.70 -0.41 0.83
CA ALA A 26 -1.86 0.10 -0.53
C ALA A 26 -3.35 0.22 -0.86
N GLU A 27 -4.02 -0.92 -0.82
CA GLU A 27 -5.44 -0.96 -1.12
C GLU A 27 -6.17 0.13 -0.33
N LYS A 28 -5.93 0.14 0.97
CA LYS A 28 -6.55 1.12 1.85
C LYS A 28 -6.23 2.52 1.35
N ALA A 29 -4.94 2.80 1.24
CA ALA A 29 -4.49 4.11 0.77
C ALA A 29 -5.14 4.40 -0.58
N LEU A 30 -4.84 3.56 -1.55
CA LEU A 30 -5.39 3.73 -2.89
C LEU A 30 -6.84 4.17 -2.78
N ALA A 31 -7.62 3.38 -2.07
CA ALA A 31 -9.03 3.67 -1.88
C ALA A 31 -9.18 5.07 -1.27
N LEU A 32 -8.50 5.25 -0.14
CA LEU A 32 -8.56 6.52 0.56
C LEU A 32 -8.34 7.66 -0.45
N THR A 33 -7.39 7.44 -1.35
CA THR A 33 -7.08 8.43 -2.36
C THR A 33 -7.93 8.19 -3.61
N GLY A 34 -9.15 7.71 -3.39
CA GLY A 34 -10.06 7.44 -4.48
C GLY A 34 -9.31 6.88 -5.70
N ASN A 35 -8.39 5.98 -5.42
CA ASN A 35 -7.59 5.37 -6.48
C ASN A 35 -7.21 6.44 -7.50
N GLN A 36 -6.42 7.40 -7.04
CA GLN A 36 -5.97 8.48 -7.90
C GLN A 36 -4.73 8.06 -8.68
N GLY A 37 -3.83 7.39 -7.98
CA GLY A 37 -2.60 6.92 -8.60
C GLY A 37 -1.60 6.43 -7.54
N ILE A 38 -0.37 6.21 -7.99
CA ILE A 38 0.67 5.74 -7.10
C ILE A 38 0.98 6.84 -6.07
N GLU A 39 1.48 7.96 -6.58
CA GLU A 39 1.82 9.09 -5.73
C GLU A 39 0.65 9.41 -4.79
N ALA A 40 -0.51 9.67 -5.40
CA ALA A 40 -1.69 9.99 -4.64
C ALA A 40 -1.75 9.10 -3.39
N ALA A 41 -1.67 7.80 -3.62
CA ALA A 41 -1.71 6.85 -2.53
C ALA A 41 -0.52 7.08 -1.61
N MET A 42 0.67 6.92 -2.17
CA MET A 42 1.89 7.11 -1.41
C MET A 42 1.77 8.31 -0.46
N ASP A 43 1.39 9.44 -1.04
CA ASP A 43 1.23 10.66 -0.27
C ASP A 43 0.56 10.34 1.07
N TRP A 44 -0.47 9.50 0.98
CA TRP A 44 -1.20 9.10 2.17
C TRP A 44 -0.26 8.28 3.05
N LEU A 45 0.20 7.17 2.50
CA LEU A 45 1.11 6.29 3.23
C LEU A 45 2.19 7.13 3.90
N MET A 46 2.84 7.96 3.10
CA MET A 46 3.90 8.83 3.61
C MET A 46 3.42 9.60 4.84
N GLU A 47 2.15 9.97 4.82
CA GLU A 47 1.56 10.71 5.93
C GLU A 47 1.30 9.77 7.12
N HIS A 48 1.12 8.50 6.80
CA HIS A 48 0.86 7.51 7.82
C HIS A 48 2.12 6.66 8.03
N GLU A 49 3.22 7.14 7.50
CA GLU A 49 4.50 6.45 7.63
C GLU A 49 4.78 6.13 9.09
N ASP A 50 4.11 6.88 9.97
CA ASP A 50 4.29 6.68 11.39
C ASP A 50 2.96 6.27 12.02
N ASP A 51 2.11 5.66 11.18
CA ASP A 51 0.82 5.21 11.64
C ASP A 51 0.96 4.57 13.02
N PRO A 52 -0.12 4.73 13.84
CA PRO A 52 -0.13 4.18 15.18
C PRO A 52 -0.34 2.67 15.15
N ASP A 53 -1.16 2.24 14.21
CA ASP A 53 -1.45 0.82 14.06
C ASP A 53 -2.17 0.59 12.73
N VAL A 54 -1.41 0.67 11.66
CA VAL A 54 -1.97 0.46 10.33
C VAL A 54 -2.51 -0.96 10.22
N ASP A 55 -2.01 -1.82 11.08
CA ASP A 55 -2.44 -3.21 11.09
C ASP A 55 -2.33 -3.76 12.51
N GLU A 56 -3.24 -3.29 13.36
CA GLU A 56 -3.27 -3.72 14.74
C GLU A 56 -3.23 -5.25 14.82
N PRO A 57 -2.66 -5.75 15.95
CA PRO A 57 -2.56 -7.19 16.15
C PRO A 57 -3.91 -7.79 16.54
N LEU A 58 -4.22 -8.92 15.91
CA LEU A 58 -5.48 -9.60 16.17
C LEU A 58 -5.21 -10.84 17.03
N SER A 59 -4.83 -10.59 18.28
CA SER A 59 -4.55 -11.66 19.21
C SER A 59 -3.48 -12.59 18.62
N GLY A 60 -2.24 -12.33 19.02
CA GLY A 60 -1.11 -13.12 18.55
C GLY A 60 0.21 -12.42 18.85
N PRO A 61 1.14 -13.20 19.47
CA PRO A 61 2.45 -12.68 19.83
C PRO A 61 3.33 -12.56 18.58
N SER A 62 3.29 -13.59 17.76
CA SER A 62 4.09 -13.61 16.54
C SER A 62 5.58 -13.51 16.88
N SER A 63 6.38 -14.08 16.01
CA SER A 63 7.83 -14.06 16.21
C SER A 63 8.34 -12.62 16.25
N GLY A 64 8.64 -12.17 17.47
CA GLY A 64 9.13 -10.83 17.66
C GLY A 64 9.18 -10.47 19.15
N GLY A 1 17.99 -10.08 -0.07
CA GLY A 1 18.87 -11.19 -0.43
C GLY A 1 18.80 -11.46 -1.94
N SER A 2 18.48 -12.70 -2.26
CA SER A 2 18.38 -13.11 -3.66
C SER A 2 17.02 -12.73 -4.22
N SER A 3 17.02 -11.74 -5.11
CA SER A 3 15.80 -11.28 -5.72
C SER A 3 16.12 -10.29 -6.85
N GLY A 4 15.09 -9.97 -7.62
CA GLY A 4 15.25 -9.05 -8.74
C GLY A 4 14.18 -7.96 -8.71
N SER A 5 14.27 -7.05 -9.67
CA SER A 5 13.32 -5.96 -9.76
C SER A 5 12.72 -5.90 -11.16
N SER A 6 11.49 -6.36 -11.27
CA SER A 6 10.80 -6.38 -12.55
C SER A 6 10.12 -5.02 -12.78
N GLY A 7 9.68 -4.82 -14.02
CA GLY A 7 9.03 -3.58 -14.39
C GLY A 7 7.53 -3.79 -14.55
N ALA A 8 6.97 -3.13 -15.56
CA ALA A 8 5.55 -3.24 -15.84
C ALA A 8 4.76 -2.65 -14.66
N GLU A 9 3.66 -1.99 -14.99
CA GLU A 9 2.83 -1.37 -13.99
C GLU A 9 1.39 -1.91 -14.09
N LEU A 10 1.18 -3.07 -13.49
CA LEU A 10 -0.13 -3.70 -13.51
C LEU A 10 -1.19 -2.66 -13.15
N THR A 11 -1.11 -2.18 -11.91
CA THR A 11 -2.06 -1.19 -11.43
C THR A 11 -1.45 -0.40 -10.27
N ALA A 12 -2.16 0.65 -9.87
CA ALA A 12 -1.72 1.49 -8.78
C ALA A 12 -1.44 0.61 -7.55
N LEU A 13 -2.34 -0.34 -7.33
CA LEU A 13 -2.20 -1.23 -6.19
C LEU A 13 -0.96 -2.11 -6.39
N GLU A 14 -1.04 -3.00 -7.38
CA GLU A 14 0.06 -3.90 -7.68
C GLU A 14 1.38 -3.14 -7.60
N SER A 15 1.45 -2.04 -8.34
CA SER A 15 2.66 -1.23 -8.37
C SER A 15 3.20 -1.05 -6.95
N LEU A 16 2.39 -0.43 -6.11
CA LEU A 16 2.77 -0.19 -4.73
C LEU A 16 3.28 -1.50 -4.12
N ILE A 17 2.45 -2.52 -4.20
CA ILE A 17 2.80 -3.82 -3.66
C ILE A 17 4.17 -4.23 -4.18
N GLU A 18 4.48 -3.77 -5.39
CA GLU A 18 5.76 -4.08 -6.02
C GLU A 18 6.88 -3.30 -5.34
N MET A 19 6.54 -2.11 -4.86
CA MET A 19 7.50 -1.26 -4.18
C MET A 19 7.97 -1.90 -2.88
N GLY A 20 7.16 -2.81 -2.37
CA GLY A 20 7.47 -3.49 -1.13
C GLY A 20 6.51 -3.09 -0.02
N PHE A 21 5.32 -2.66 -0.43
CA PHE A 21 4.31 -2.24 0.52
C PHE A 21 3.25 -3.32 0.70
N PRO A 22 2.62 -3.31 1.91
CA PRO A 22 1.60 -4.29 2.23
C PRO A 22 0.29 -3.97 1.51
N ARG A 23 -0.35 -5.00 1.01
CA ARG A 23 -1.61 -4.84 0.29
C ARG A 23 -2.57 -3.97 1.10
N GLY A 24 -2.86 -4.43 2.32
CA GLY A 24 -3.76 -3.69 3.19
C GLY A 24 -3.52 -2.18 3.08
N ARG A 25 -2.26 -1.80 3.23
CA ARG A 25 -1.90 -0.40 3.16
C ARG A 25 -2.24 0.16 1.78
N ALA A 26 -1.51 -0.32 0.78
CA ALA A 26 -1.73 0.12 -0.59
C ALA A 26 -3.23 0.22 -0.86
N GLU A 27 -3.90 -0.91 -0.67
CA GLU A 27 -5.34 -0.98 -0.90
C GLU A 27 -6.04 0.14 -0.12
N LYS A 28 -5.79 0.16 1.18
CA LYS A 28 -6.39 1.17 2.04
C LYS A 28 -6.09 2.56 1.48
N ALA A 29 -4.83 2.76 1.12
CA ALA A 29 -4.40 4.04 0.57
C ALA A 29 -5.18 4.32 -0.72
N LEU A 30 -4.89 3.52 -1.73
CA LEU A 30 -5.55 3.67 -3.02
C LEU A 30 -7.06 3.78 -2.79
N ALA A 31 -7.52 3.16 -1.73
CA ALA A 31 -8.94 3.18 -1.39
C ALA A 31 -9.32 4.59 -0.94
N LEU A 32 -8.65 5.06 0.09
CA LEU A 32 -8.90 6.38 0.62
C LEU A 32 -8.78 7.41 -0.50
N THR A 33 -7.63 7.40 -1.15
CA THR A 33 -7.38 8.32 -2.24
C THR A 33 -8.46 8.19 -3.31
N GLY A 34 -8.75 6.95 -3.68
CA GLY A 34 -9.76 6.68 -4.68
C GLY A 34 -9.11 6.23 -5.99
N ASN A 35 -8.11 5.38 -5.87
CA ASN A 35 -7.40 4.87 -7.03
C ASN A 35 -7.05 6.03 -7.96
N GLN A 36 -6.21 6.92 -7.46
CA GLN A 36 -5.79 8.07 -8.24
C GLN A 36 -4.42 7.81 -8.87
N GLY A 37 -3.54 7.24 -8.07
CA GLY A 37 -2.20 6.94 -8.55
C GLY A 37 -1.27 6.58 -7.38
N ILE A 38 0.00 6.37 -7.71
CA ILE A 38 0.98 6.02 -6.71
C ILE A 38 1.31 7.25 -5.86
N GLU A 39 1.94 8.23 -6.50
CA GLU A 39 2.31 9.45 -5.82
C GLU A 39 1.20 9.88 -4.86
N ALA A 40 -0.02 9.85 -5.37
CA ALA A 40 -1.18 10.24 -4.58
C ALA A 40 -1.26 9.34 -3.34
N ALA A 41 -1.22 8.04 -3.59
CA ALA A 41 -1.29 7.07 -2.51
C ALA A 41 -0.09 7.26 -1.58
N MET A 42 1.09 7.18 -2.18
CA MET A 42 2.33 7.34 -1.42
C MET A 42 2.17 8.42 -0.35
N ASP A 43 1.65 9.57 -0.77
CA ASP A 43 1.45 10.68 0.13
C ASP A 43 0.49 10.26 1.25
N TRP A 44 -0.59 9.62 0.84
CA TRP A 44 -1.60 9.15 1.79
C TRP A 44 -0.90 8.20 2.77
N LEU A 45 0.07 7.47 2.24
CA LEU A 45 0.80 6.52 3.06
C LEU A 45 1.71 7.28 4.03
N MET A 46 2.40 8.26 3.49
CA MET A 46 3.30 9.08 4.29
C MET A 46 2.54 9.86 5.37
N GLU A 47 1.28 10.14 5.06
CA GLU A 47 0.43 10.87 5.98
C GLU A 47 -0.25 9.90 6.96
N HIS A 48 -0.25 8.63 6.59
CA HIS A 48 -0.86 7.61 7.41
C HIS A 48 0.23 6.81 8.13
N GLU A 49 1.47 7.27 7.96
CA GLU A 49 2.61 6.61 8.57
C GLU A 49 2.50 6.69 10.10
N ASP A 50 1.58 7.53 10.56
CA ASP A 50 1.36 7.70 11.98
C ASP A 50 0.51 6.54 12.51
N ASP A 51 -0.36 6.04 11.64
CA ASP A 51 -1.23 4.94 12.01
C ASP A 51 -0.38 3.73 12.41
N PRO A 52 -0.76 3.11 13.56
CA PRO A 52 -0.04 1.96 14.06
C PRO A 52 -0.37 0.71 13.25
N ASP A 53 -1.63 0.29 13.36
CA ASP A 53 -2.09 -0.89 12.63
C ASP A 53 -1.93 -0.66 11.13
N VAL A 54 -2.57 0.39 10.65
CA VAL A 54 -2.50 0.73 9.24
C VAL A 54 -2.75 -0.52 8.41
N ASP A 55 -3.41 -1.49 9.04
CA ASP A 55 -3.73 -2.75 8.36
C ASP A 55 -5.10 -3.24 8.83
N GLU A 56 -5.28 -3.24 10.15
CA GLU A 56 -6.52 -3.69 10.74
C GLU A 56 -7.71 -3.19 9.90
N PRO A 57 -8.72 -4.09 9.76
CA PRO A 57 -9.90 -3.77 8.99
C PRO A 57 -10.82 -2.82 9.77
N LEU A 58 -11.00 -1.63 9.20
CA LEU A 58 -11.84 -0.63 9.83
C LEU A 58 -13.30 -0.91 9.48
N SER A 59 -13.97 -1.61 10.38
CA SER A 59 -15.36 -1.95 10.19
C SER A 59 -16.08 -2.03 11.53
N GLY A 60 -15.51 -2.82 12.42
CA GLY A 60 -16.08 -3.00 13.75
C GLY A 60 -15.11 -2.54 14.83
N PRO A 61 -15.05 -1.20 15.03
CA PRO A 61 -14.17 -0.61 16.02
C PRO A 61 -14.72 -0.83 17.43
N SER A 62 -14.72 -2.09 17.84
CA SER A 62 -15.21 -2.44 19.16
C SER A 62 -14.19 -2.05 20.23
N SER A 63 -12.99 -2.61 20.09
CA SER A 63 -11.92 -2.32 21.02
C SER A 63 -12.17 -3.06 22.35
N GLY A 64 -13.32 -2.77 22.94
CA GLY A 64 -13.68 -3.39 24.21
C GLY A 64 -14.02 -2.33 25.26
N GLY A 1 18.76 -2.41 -1.33
CA GLY A 1 19.28 -3.76 -1.41
C GLY A 1 18.16 -4.78 -1.51
N SER A 2 17.62 -4.91 -2.72
CA SER A 2 16.54 -5.85 -2.97
C SER A 2 16.92 -6.79 -4.12
N SER A 3 16.38 -8.00 -4.05
CA SER A 3 16.64 -8.99 -5.08
C SER A 3 15.33 -9.46 -5.71
N GLY A 4 15.44 -9.95 -6.93
CA GLY A 4 14.27 -10.44 -7.65
C GLY A 4 13.91 -9.52 -8.81
N SER A 5 14.01 -10.06 -10.01
CA SER A 5 13.70 -9.29 -11.21
C SER A 5 12.35 -9.75 -11.78
N SER A 6 11.30 -9.08 -11.33
CA SER A 6 9.96 -9.40 -11.79
C SER A 6 8.99 -8.28 -11.40
N GLY A 7 8.34 -7.72 -12.41
CA GLY A 7 7.38 -6.66 -12.18
C GLY A 7 7.73 -5.42 -13.01
N ALA A 8 6.71 -4.83 -13.59
CA ALA A 8 6.89 -3.64 -14.42
C ALA A 8 5.62 -2.79 -14.37
N GLU A 9 5.51 -2.00 -13.31
CA GLU A 9 4.35 -1.13 -13.14
C GLU A 9 3.10 -1.81 -13.70
N LEU A 10 2.49 -2.63 -12.85
CA LEU A 10 1.28 -3.34 -13.24
C LEU A 10 0.09 -2.39 -13.16
N THR A 11 -0.20 -1.96 -11.93
CA THR A 11 -1.32 -1.06 -11.69
C THR A 11 -1.02 -0.14 -10.51
N ALA A 12 -2.08 0.22 -9.80
CA ALA A 12 -1.94 1.10 -8.65
C ALA A 12 -1.70 0.25 -7.40
N LEU A 13 -2.27 -0.96 -7.42
CA LEU A 13 -2.11 -1.87 -6.30
C LEU A 13 -0.75 -2.54 -6.37
N GLU A 14 -0.52 -3.24 -7.47
CA GLU A 14 0.74 -3.94 -7.68
C GLU A 14 1.91 -2.96 -7.48
N SER A 15 1.83 -1.84 -8.18
CA SER A 15 2.88 -0.84 -8.10
C SER A 15 3.41 -0.75 -6.67
N LEU A 16 2.58 -0.23 -5.79
CA LEU A 16 2.95 -0.09 -4.39
C LEU A 16 3.49 -1.42 -3.88
N ILE A 17 2.72 -2.47 -4.12
CA ILE A 17 3.12 -3.80 -3.68
C ILE A 17 4.56 -4.07 -4.13
N GLU A 18 4.88 -3.59 -5.33
CA GLU A 18 6.20 -3.77 -5.87
C GLU A 18 7.24 -3.09 -4.98
N MET A 19 6.86 -1.93 -4.47
CA MET A 19 7.75 -1.17 -3.61
C MET A 19 8.09 -1.96 -2.35
N GLY A 20 7.19 -2.86 -1.98
CA GLY A 20 7.38 -3.68 -0.80
C GLY A 20 6.37 -3.33 0.30
N PHE A 21 5.26 -2.77 -0.15
CA PHE A 21 4.20 -2.39 0.78
C PHE A 21 3.13 -3.47 0.87
N PRO A 22 2.43 -3.50 2.04
CA PRO A 22 1.39 -4.48 2.27
C PRO A 22 0.12 -4.12 1.49
N ARG A 23 -0.48 -5.14 0.89
CA ARG A 23 -1.69 -4.94 0.11
C ARG A 23 -2.68 -4.06 0.88
N GLY A 24 -3.03 -4.53 2.06
CA GLY A 24 -3.97 -3.78 2.89
C GLY A 24 -3.71 -2.28 2.81
N ARG A 25 -2.46 -1.91 3.08
CA ARG A 25 -2.07 -0.51 3.04
C ARG A 25 -2.28 0.06 1.64
N ALA A 26 -1.48 -0.43 0.71
CA ALA A 26 -1.56 0.02 -0.68
C ALA A 26 -3.04 0.17 -1.06
N GLU A 27 -3.77 -0.92 -0.93
CA GLU A 27 -5.18 -0.93 -1.25
C GLU A 27 -5.93 0.12 -0.43
N LYS A 28 -5.90 -0.07 0.88
CA LYS A 28 -6.56 0.85 1.79
C LYS A 28 -6.29 2.29 1.33
N ALA A 29 -5.02 2.60 1.18
CA ALA A 29 -4.61 3.93 0.75
C ALA A 29 -5.23 4.22 -0.62
N LEU A 30 -4.89 3.36 -1.57
CA LEU A 30 -5.40 3.51 -2.93
C LEU A 30 -6.90 3.79 -2.88
N ALA A 31 -7.53 3.27 -1.84
CA ALA A 31 -8.97 3.46 -1.67
C ALA A 31 -9.22 4.87 -1.13
N LEU A 32 -8.73 5.12 0.07
CA LEU A 32 -8.91 6.41 0.70
C LEU A 32 -8.67 7.52 -0.32
N THR A 33 -7.48 7.48 -0.91
CA THR A 33 -7.11 8.47 -1.90
C THR A 33 -8.23 8.63 -2.94
N GLY A 34 -8.67 7.49 -3.45
CA GLY A 34 -9.74 7.49 -4.45
C GLY A 34 -9.24 6.93 -5.79
N ASN A 35 -8.34 5.96 -5.68
CA ASN A 35 -7.78 5.34 -6.86
C ASN A 35 -7.41 6.41 -7.89
N GLN A 36 -6.64 7.39 -7.43
CA GLN A 36 -6.22 8.48 -8.29
C GLN A 36 -4.89 8.14 -8.95
N GLY A 37 -4.06 7.42 -8.22
CA GLY A 37 -2.75 7.02 -8.71
C GLY A 37 -1.84 6.58 -7.57
N ILE A 38 -0.59 6.32 -7.92
CA ILE A 38 0.39 5.89 -6.94
C ILE A 38 0.85 7.09 -6.11
N GLU A 39 1.44 8.05 -6.81
CA GLU A 39 1.93 9.26 -6.16
C GLU A 39 0.95 9.70 -5.06
N ALA A 40 -0.28 9.94 -5.49
CA ALA A 40 -1.31 10.37 -4.56
C ALA A 40 -1.39 9.39 -3.39
N ALA A 41 -1.39 8.11 -3.74
CA ALA A 41 -1.45 7.06 -2.73
C ALA A 41 -0.28 7.22 -1.76
N MET A 42 0.92 7.01 -2.29
CA MET A 42 2.12 7.13 -1.48
C MET A 42 2.02 8.30 -0.50
N ASP A 43 1.59 9.43 -1.03
CA ASP A 43 1.45 10.63 -0.21
C ASP A 43 0.70 10.27 1.07
N TRP A 44 -0.41 9.57 0.90
CA TRP A 44 -1.22 9.15 2.03
C TRP A 44 -0.32 8.40 3.01
N LEU A 45 0.16 7.25 2.55
CA LEU A 45 1.04 6.43 3.38
C LEU A 45 2.10 7.31 4.03
N MET A 46 2.82 8.04 3.19
CA MET A 46 3.86 8.92 3.67
C MET A 46 3.34 9.84 4.78
N GLU A 47 2.28 10.56 4.45
CA GLU A 47 1.67 11.48 5.41
C GLU A 47 1.06 10.70 6.57
N HIS A 48 0.92 9.40 6.36
CA HIS A 48 0.35 8.54 7.38
C HIS A 48 1.46 7.73 8.06
N GLU A 49 2.69 8.18 7.83
CA GLU A 49 3.85 7.52 8.41
C GLU A 49 3.67 7.35 9.92
N ASP A 50 2.86 8.24 10.49
CA ASP A 50 2.60 8.20 11.91
C ASP A 50 1.21 7.59 12.16
N ASP A 51 0.78 6.79 11.20
CA ASP A 51 -0.53 6.15 11.30
C ASP A 51 -0.64 5.42 12.64
N PRO A 52 -1.83 5.56 13.28
CA PRO A 52 -2.08 4.92 14.56
C PRO A 52 -2.30 3.43 14.39
N ASP A 53 -3.11 3.08 13.41
CA ASP A 53 -3.42 1.68 13.15
C ASP A 53 -3.70 1.51 11.65
N VAL A 54 -2.63 1.52 10.88
CA VAL A 54 -2.75 1.37 9.43
C VAL A 54 -3.02 -0.11 9.11
N ASP A 55 -2.62 -0.97 10.03
CA ASP A 55 -2.82 -2.40 9.85
C ASP A 55 -3.02 -3.05 11.22
N GLU A 56 -4.14 -2.71 11.85
CA GLU A 56 -4.46 -3.25 13.16
C GLU A 56 -4.26 -4.76 13.17
N PRO A 57 -4.01 -5.30 14.39
CA PRO A 57 -3.80 -6.74 14.55
C PRO A 57 -5.13 -7.49 14.44
N LEU A 58 -5.16 -8.41 13.48
CA LEU A 58 -6.36 -9.22 13.26
C LEU A 58 -5.99 -10.70 13.31
N SER A 59 -4.74 -10.95 13.69
CA SER A 59 -4.25 -12.31 13.79
C SER A 59 -3.18 -12.42 14.86
N GLY A 60 -3.62 -12.82 16.05
CA GLY A 60 -2.71 -12.96 17.19
C GLY A 60 -2.32 -11.59 17.74
N PRO A 61 -1.84 -11.61 19.01
CA PRO A 61 -1.43 -10.38 19.67
C PRO A 61 -0.08 -9.89 19.13
N SER A 62 0.87 -10.82 19.05
CA SER A 62 2.19 -10.49 18.55
C SER A 62 2.15 -10.35 17.02
N SER A 63 2.71 -9.25 16.55
CA SER A 63 2.76 -8.98 15.12
C SER A 63 3.38 -10.17 14.39
N GLY A 64 2.83 -10.45 13.22
CA GLY A 64 3.33 -11.55 12.41
C GLY A 64 2.81 -12.89 12.93
N GLY A 1 -4.26 1.02 -18.93
CA GLY A 1 -4.32 2.47 -18.79
C GLY A 1 -3.33 3.14 -19.75
N SER A 2 -3.77 3.28 -20.99
CA SER A 2 -2.93 3.90 -22.01
C SER A 2 -1.64 3.11 -22.19
N SER A 3 -0.91 3.44 -23.24
CA SER A 3 0.35 2.77 -23.53
C SER A 3 1.14 2.59 -22.24
N GLY A 4 1.73 1.40 -22.12
CA GLY A 4 2.52 1.08 -20.94
C GLY A 4 3.93 0.64 -21.33
N SER A 5 4.04 -0.60 -21.77
CA SER A 5 5.31 -1.15 -22.18
C SER A 5 6.41 -0.72 -21.20
N SER A 6 6.45 -1.41 -20.07
CA SER A 6 7.44 -1.10 -19.06
C SER A 6 7.88 -2.40 -18.35
N GLY A 7 8.94 -2.27 -17.57
CA GLY A 7 9.48 -3.41 -16.84
C GLY A 7 8.35 -4.23 -16.20
N ALA A 8 7.84 -3.71 -15.10
CA ALA A 8 6.76 -4.38 -14.39
C ALA A 8 5.79 -3.33 -13.84
N GLU A 9 4.57 -3.39 -14.34
CA GLU A 9 3.54 -2.46 -13.91
C GLU A 9 2.15 -3.06 -14.11
N LEU A 10 1.71 -3.80 -13.09
CA LEU A 10 0.41 -4.43 -13.15
C LEU A 10 -0.68 -3.37 -13.03
N THR A 11 -0.71 -2.72 -11.88
CA THR A 11 -1.69 -1.68 -11.63
C THR A 11 -1.19 -0.73 -10.55
N ALA A 12 -2.05 0.23 -10.21
CA ALA A 12 -1.71 1.21 -9.20
C ALA A 12 -1.49 0.50 -7.86
N LEU A 13 -2.37 -0.45 -7.57
CA LEU A 13 -2.29 -1.21 -6.34
C LEU A 13 -1.04 -2.09 -6.37
N GLU A 14 -1.09 -3.09 -7.23
CA GLU A 14 0.03 -4.01 -7.37
C GLU A 14 1.35 -3.25 -7.35
N SER A 15 1.38 -2.17 -8.13
CA SER A 15 2.58 -1.35 -8.22
C SER A 15 3.11 -1.07 -6.81
N LEU A 16 2.24 -0.53 -5.97
CA LEU A 16 2.61 -0.21 -4.61
C LEU A 16 3.07 -1.48 -3.89
N ILE A 17 2.43 -2.58 -4.25
CA ILE A 17 2.76 -3.87 -3.65
C ILE A 17 4.15 -4.30 -4.12
N GLU A 18 4.54 -3.78 -5.28
CA GLU A 18 5.84 -4.11 -5.83
C GLU A 18 6.92 -3.21 -5.22
N MET A 19 6.47 -2.21 -4.49
CA MET A 19 7.38 -1.29 -3.85
C MET A 19 7.82 -1.80 -2.48
N GLY A 20 7.17 -2.87 -2.05
CA GLY A 20 7.49 -3.48 -0.77
C GLY A 20 6.36 -3.25 0.24
N PHE A 21 5.49 -2.30 -0.10
CA PHE A 21 4.37 -1.97 0.76
C PHE A 21 3.39 -3.14 0.86
N PRO A 22 2.69 -3.21 2.03
CA PRO A 22 1.72 -4.26 2.27
C PRO A 22 0.44 -4.03 1.46
N ARG A 23 -0.13 -5.13 0.98
CA ARG A 23 -1.35 -5.05 0.20
C ARG A 23 -2.35 -4.10 0.87
N GLY A 24 -2.74 -4.45 2.08
CA GLY A 24 -3.69 -3.65 2.83
C GLY A 24 -3.43 -2.16 2.61
N ARG A 25 -2.29 -1.70 3.11
CA ARG A 25 -1.91 -0.31 2.97
C ARG A 25 -2.14 0.17 1.54
N ALA A 26 -1.37 -0.43 0.63
CA ALA A 26 -1.47 -0.08 -0.78
C ALA A 26 -2.94 0.12 -1.14
N GLU A 27 -3.77 -0.80 -0.67
CA GLU A 27 -5.19 -0.74 -0.94
C GLU A 27 -5.81 0.47 -0.23
N LYS A 28 -5.46 0.62 1.03
CA LYS A 28 -5.98 1.72 1.82
C LYS A 28 -5.65 3.04 1.13
N ALA A 29 -4.35 3.30 1.01
CA ALA A 29 -3.89 4.53 0.36
C ALA A 29 -4.70 4.75 -0.91
N LEU A 30 -4.58 3.80 -1.83
CA LEU A 30 -5.30 3.89 -3.10
C LEU A 30 -6.78 4.20 -2.83
N ALA A 31 -7.43 3.23 -2.19
CA ALA A 31 -8.85 3.39 -1.86
C ALA A 31 -9.08 4.78 -1.31
N LEU A 32 -8.45 5.07 -0.18
CA LEU A 32 -8.60 6.37 0.46
C LEU A 32 -8.46 7.46 -0.60
N THR A 33 -7.49 7.29 -1.48
CA THR A 33 -7.24 8.25 -2.53
C THR A 33 -8.05 7.89 -3.78
N GLY A 34 -9.24 7.35 -3.53
CA GLY A 34 -10.11 6.95 -4.63
C GLY A 34 -9.31 6.42 -5.81
N ASN A 35 -8.29 5.63 -5.49
CA ASN A 35 -7.44 5.06 -6.51
C ASN A 35 -7.09 6.13 -7.54
N GLN A 36 -6.35 7.13 -7.08
CA GLN A 36 -5.93 8.22 -7.96
C GLN A 36 -4.67 7.84 -8.72
N GLY A 37 -3.72 7.28 -7.99
CA GLY A 37 -2.46 6.87 -8.59
C GLY A 37 -1.46 6.42 -7.51
N ILE A 38 -0.21 6.31 -7.92
CA ILE A 38 0.85 5.90 -7.00
C ILE A 38 1.17 7.05 -6.06
N GLU A 39 1.46 8.19 -6.65
CA GLU A 39 1.80 9.38 -5.88
C GLU A 39 0.72 9.65 -4.84
N ALA A 40 -0.45 10.03 -5.33
CA ALA A 40 -1.58 10.33 -4.45
C ALA A 40 -1.60 9.32 -3.30
N ALA A 41 -1.44 8.05 -3.67
CA ALA A 41 -1.44 6.99 -2.68
C ALA A 41 -0.31 7.22 -1.67
N MET A 42 0.91 7.19 -2.18
CA MET A 42 2.07 7.41 -1.34
C MET A 42 1.78 8.46 -0.25
N ASP A 43 1.17 9.54 -0.69
CA ASP A 43 0.83 10.62 0.23
C ASP A 43 0.22 10.03 1.50
N TRP A 44 -0.88 9.31 1.31
CA TRP A 44 -1.57 8.70 2.43
C TRP A 44 -0.54 7.90 3.23
N LEU A 45 0.03 6.89 2.59
CA LEU A 45 1.02 6.05 3.25
C LEU A 45 1.95 6.94 4.07
N MET A 46 2.61 7.85 3.38
CA MET A 46 3.55 8.76 4.03
C MET A 46 2.88 9.46 5.22
N GLU A 47 1.70 10.00 4.96
CA GLU A 47 0.96 10.70 6.00
C GLU A 47 0.51 9.71 7.08
N HIS A 48 0.60 8.43 6.75
CA HIS A 48 0.21 7.39 7.68
C HIS A 48 1.45 6.65 8.18
N GLU A 49 2.60 7.25 7.89
CA GLU A 49 3.86 6.66 8.31
C GLU A 49 3.83 6.32 9.79
N ASP A 50 2.96 7.02 10.52
CA ASP A 50 2.82 6.80 11.94
C ASP A 50 1.39 6.35 12.24
N ASP A 51 0.76 5.76 11.24
CA ASP A 51 -0.61 5.29 11.40
C ASP A 51 -0.76 4.61 12.76
N PRO A 52 -1.96 4.79 13.36
CA PRO A 52 -2.25 4.21 14.66
C PRO A 52 -2.49 2.70 14.55
N ASP A 53 -3.35 2.34 13.60
CA ASP A 53 -3.66 0.94 13.37
C ASP A 53 -3.99 0.73 11.89
N VAL A 54 -2.94 0.71 11.08
CA VAL A 54 -3.10 0.52 9.66
C VAL A 54 -3.40 -0.96 9.38
N ASP A 55 -2.88 -1.81 10.25
CA ASP A 55 -3.09 -3.24 10.11
C ASP A 55 -3.35 -3.86 11.50
N GLU A 56 -4.56 -3.66 11.98
CA GLU A 56 -4.93 -4.19 13.29
C GLU A 56 -4.61 -5.68 13.37
N PRO A 57 -4.32 -6.13 14.61
CA PRO A 57 -3.99 -7.53 14.85
C PRO A 57 -5.24 -8.41 14.78
N LEU A 58 -5.18 -9.40 13.90
CA LEU A 58 -6.31 -10.32 13.73
C LEU A 58 -6.01 -11.62 14.49
N SER A 59 -6.76 -11.82 15.57
CA SER A 59 -6.59 -13.02 16.38
C SER A 59 -7.69 -14.03 16.04
N GLY A 60 -7.28 -15.12 15.41
CA GLY A 60 -8.21 -16.16 15.04
C GLY A 60 -8.58 -16.06 13.56
N PRO A 61 -8.95 -17.24 12.97
CA PRO A 61 -9.33 -17.29 11.58
C PRO A 61 -10.73 -16.71 11.37
N SER A 62 -11.69 -17.28 12.08
CA SER A 62 -13.07 -16.84 11.98
C SER A 62 -13.90 -17.43 13.13
N SER A 63 -14.85 -16.64 13.58
CA SER A 63 -15.72 -17.07 14.67
C SER A 63 -14.88 -17.64 15.81
N GLY A 64 -14.49 -16.77 16.73
CA GLY A 64 -13.69 -17.18 17.87
C GLY A 64 -12.51 -16.22 18.08
N GLY A 1 12.92 -8.64 -0.63
CA GLY A 1 13.00 -9.21 -1.95
C GLY A 1 12.29 -8.33 -2.98
N SER A 2 11.42 -8.95 -3.75
CA SER A 2 10.68 -8.24 -4.78
C SER A 2 11.63 -7.46 -5.68
N SER A 3 12.03 -8.11 -6.76
CA SER A 3 12.96 -7.49 -7.70
C SER A 3 13.02 -8.33 -8.98
N GLY A 4 12.24 -7.91 -9.96
CA GLY A 4 12.21 -8.60 -11.24
C GLY A 4 13.07 -7.89 -12.28
N SER A 5 13.22 -8.54 -13.43
CA SER A 5 14.01 -7.98 -14.50
C SER A 5 13.14 -7.10 -15.40
N SER A 6 13.72 -5.99 -15.82
CA SER A 6 13.00 -5.06 -16.68
C SER A 6 11.72 -4.60 -16.00
N GLY A 7 11.78 -3.39 -15.44
CA GLY A 7 10.64 -2.83 -14.75
C GLY A 7 9.33 -3.13 -15.51
N ALA A 8 8.27 -3.32 -14.74
CA ALA A 8 6.98 -3.61 -15.32
C ALA A 8 5.90 -2.80 -14.60
N GLU A 9 4.68 -2.85 -15.14
CA GLU A 9 3.57 -2.14 -14.56
C GLU A 9 2.30 -2.98 -14.62
N LEU A 10 2.00 -3.62 -13.49
CA LEU A 10 0.81 -4.47 -13.42
C LEU A 10 -0.42 -3.58 -13.25
N THR A 11 -0.47 -2.89 -12.12
CA THR A 11 -1.60 -2.01 -11.84
C THR A 11 -1.17 -0.89 -10.89
N ALA A 12 -2.16 -0.27 -10.28
CA ALA A 12 -1.90 0.82 -9.35
C ALA A 12 -1.61 0.24 -7.96
N LEU A 13 -2.22 -0.91 -7.69
CA LEU A 13 -2.02 -1.58 -6.41
C LEU A 13 -0.68 -2.30 -6.42
N GLU A 14 -0.54 -3.22 -7.37
CA GLU A 14 0.68 -4.00 -7.49
C GLU A 14 1.90 -3.08 -7.39
N SER A 15 1.89 -2.04 -8.22
CA SER A 15 2.99 -1.08 -8.23
C SER A 15 3.43 -0.78 -6.79
N LEU A 16 2.47 -0.33 -5.99
CA LEU A 16 2.75 0.00 -4.61
C LEU A 16 3.29 -1.24 -3.88
N ILE A 17 2.61 -2.36 -4.11
CA ILE A 17 2.99 -3.61 -3.49
C ILE A 17 4.43 -3.95 -3.91
N GLU A 18 4.81 -3.46 -5.09
CA GLU A 18 6.14 -3.71 -5.61
C GLU A 18 7.18 -2.96 -4.78
N MET A 19 6.78 -1.78 -4.31
CA MET A 19 7.67 -0.96 -3.51
C MET A 19 8.00 -1.64 -2.18
N GLY A 20 7.20 -2.64 -1.85
CA GLY A 20 7.39 -3.38 -0.62
C GLY A 20 6.21 -3.19 0.34
N PHE A 21 5.42 -2.17 0.05
CA PHE A 21 4.26 -1.86 0.86
C PHE A 21 3.28 -3.03 0.90
N PRO A 22 2.58 -3.17 2.05
CA PRO A 22 1.62 -4.25 2.22
C PRO A 22 0.34 -3.97 1.43
N ARG A 23 -0.15 -5.01 0.78
CA ARG A 23 -1.37 -4.89 -0.02
C ARG A 23 -2.38 -4.01 0.71
N GLY A 24 -2.73 -4.42 1.92
CA GLY A 24 -3.69 -3.68 2.72
C GLY A 24 -3.45 -2.17 2.61
N ARG A 25 -2.30 -1.75 3.13
CA ARG A 25 -1.94 -0.35 3.09
C ARG A 25 -2.25 0.26 1.72
N ALA A 26 -1.50 -0.19 0.73
CA ALA A 26 -1.68 0.29 -0.64
C ALA A 26 -3.18 0.37 -0.93
N GLU A 27 -3.84 -0.78 -0.85
CA GLU A 27 -5.27 -0.84 -1.11
C GLU A 27 -6.00 0.25 -0.34
N LYS A 28 -5.72 0.31 0.96
CA LYS A 28 -6.33 1.30 1.81
C LYS A 28 -6.13 2.70 1.21
N ALA A 29 -4.91 3.18 1.31
CA ALA A 29 -4.58 4.50 0.78
C ALA A 29 -5.32 4.71 -0.53
N LEU A 30 -4.92 3.94 -1.54
CA LEU A 30 -5.55 4.05 -2.85
C LEU A 30 -7.05 4.26 -2.68
N ALA A 31 -7.65 3.39 -1.89
CA ALA A 31 -9.08 3.48 -1.63
C ALA A 31 -9.42 4.87 -1.11
N LEU A 32 -8.94 5.14 0.10
CA LEU A 32 -9.19 6.43 0.73
C LEU A 32 -8.98 7.54 -0.29
N THR A 33 -7.78 7.57 -0.85
CA THR A 33 -7.44 8.58 -1.84
C THR A 33 -8.43 8.53 -3.02
N GLY A 34 -8.95 7.33 -3.25
CA GLY A 34 -9.92 7.14 -4.33
C GLY A 34 -9.20 6.81 -5.64
N ASN A 35 -8.29 5.85 -5.56
CA ASN A 35 -7.53 5.44 -6.73
C ASN A 35 -7.16 6.67 -7.55
N GLN A 36 -6.36 7.53 -6.93
CA GLN A 36 -5.91 8.75 -7.59
C GLN A 36 -4.66 8.48 -8.42
N GLY A 37 -3.88 7.50 -7.97
CA GLY A 37 -2.66 7.14 -8.66
C GLY A 37 -1.64 6.55 -7.69
N ILE A 38 -0.47 6.23 -8.22
CA ILE A 38 0.59 5.66 -7.42
C ILE A 38 1.04 6.68 -6.37
N GLU A 39 1.62 7.77 -6.86
CA GLU A 39 2.08 8.83 -5.99
C GLU A 39 0.96 9.31 -5.07
N ALA A 40 -0.23 9.43 -5.66
CA ALA A 40 -1.39 9.88 -4.91
C ALA A 40 -1.53 9.04 -3.65
N ALA A 41 -1.32 7.74 -3.81
CA ALA A 41 -1.42 6.82 -2.69
C ALA A 41 -0.21 7.00 -1.77
N MET A 42 0.96 6.87 -2.37
CA MET A 42 2.20 7.01 -1.62
C MET A 42 2.08 8.13 -0.58
N ASP A 43 1.42 9.20 -0.98
CA ASP A 43 1.23 10.34 -0.09
C ASP A 43 0.59 9.86 1.21
N TRP A 44 -0.61 9.30 1.07
CA TRP A 44 -1.33 8.81 2.22
C TRP A 44 -0.44 7.80 2.95
N LEU A 45 -0.03 6.78 2.21
CA LEU A 45 0.83 5.75 2.78
C LEU A 45 1.95 6.41 3.58
N MET A 46 2.57 7.39 2.97
CA MET A 46 3.66 8.12 3.62
C MET A 46 3.16 8.89 4.84
N GLU A 47 1.95 9.42 4.71
CA GLU A 47 1.35 10.18 5.80
C GLU A 47 1.06 9.26 6.98
N HIS A 48 1.05 7.96 6.70
CA HIS A 48 0.79 6.98 7.73
C HIS A 48 2.08 6.22 8.07
N GLU A 49 3.16 6.63 7.42
CA GLU A 49 4.45 6.01 7.62
C GLU A 49 4.88 6.15 9.09
N ASP A 50 4.28 7.12 9.76
CA ASP A 50 4.58 7.37 11.15
C ASP A 50 3.54 6.67 12.03
N ASP A 51 2.34 6.51 11.46
CA ASP A 51 1.25 5.87 12.18
C ASP A 51 1.68 4.45 12.56
N PRO A 52 1.31 4.06 13.81
CA PRO A 52 1.65 2.74 14.32
C PRO A 52 0.75 1.67 13.69
N ASP A 53 -0.55 1.81 13.91
CA ASP A 53 -1.51 0.87 13.37
C ASP A 53 -2.07 1.42 12.07
N VAL A 54 -1.40 1.09 10.98
CA VAL A 54 -1.82 1.55 9.67
C VAL A 54 -2.50 0.39 8.92
N ASP A 55 -2.28 -0.81 9.44
CA ASP A 55 -2.87 -1.99 8.85
C ASP A 55 -2.87 -3.13 9.87
N GLU A 56 -3.51 -2.85 11.00
CA GLU A 56 -3.60 -3.84 12.08
C GLU A 56 -4.04 -5.19 11.51
N PRO A 57 -3.63 -6.26 12.23
CA PRO A 57 -3.98 -7.62 11.82
C PRO A 57 -5.44 -7.92 12.12
N LEU A 58 -5.86 -9.12 11.72
CA LEU A 58 -7.23 -9.55 11.95
C LEU A 58 -7.23 -10.95 12.56
N SER A 59 -7.15 -10.98 13.88
CA SER A 59 -7.13 -12.24 14.60
C SER A 59 -7.57 -12.03 16.04
N GLY A 60 -6.92 -11.07 16.70
CA GLY A 60 -7.23 -10.76 18.08
C GLY A 60 -5.96 -10.72 18.94
N PRO A 61 -6.12 -11.15 20.21
CA PRO A 61 -5.00 -11.18 21.14
C PRO A 61 -4.05 -12.33 20.82
N SER A 62 -4.64 -13.50 20.62
CA SER A 62 -3.85 -14.69 20.31
C SER A 62 -2.68 -14.81 21.30
N SER A 63 -2.92 -15.58 22.35
CA SER A 63 -1.90 -15.79 23.36
C SER A 63 -2.42 -16.75 24.43
N GLY A 64 -2.02 -18.00 24.30
CA GLY A 64 -2.43 -19.03 25.25
C GLY A 64 -1.25 -19.91 25.66
N GLY A 1 -5.34 -6.88 -11.75
CA GLY A 1 -4.63 -8.02 -12.33
C GLY A 1 -4.51 -9.16 -11.33
N SER A 2 -4.37 -10.37 -11.86
CA SER A 2 -4.24 -11.56 -11.03
C SER A 2 -3.68 -12.71 -11.84
N SER A 3 -2.35 -12.73 -11.94
CA SER A 3 -1.67 -13.77 -12.70
C SER A 3 -0.17 -13.69 -12.44
N GLY A 4 0.49 -14.84 -12.62
CA GLY A 4 1.93 -14.92 -12.42
C GLY A 4 2.68 -14.61 -13.72
N SER A 5 3.12 -13.37 -13.84
CA SER A 5 3.85 -12.95 -15.02
C SER A 5 4.94 -11.94 -14.63
N SER A 6 5.82 -11.67 -15.58
CA SER A 6 6.91 -10.74 -15.33
C SER A 6 6.36 -9.46 -14.69
N GLY A 7 7.04 -9.04 -13.62
CA GLY A 7 6.63 -7.84 -12.92
C GLY A 7 6.89 -6.59 -13.75
N ALA A 8 5.90 -6.26 -14.57
CA ALA A 8 5.99 -5.09 -15.44
C ALA A 8 4.77 -4.20 -15.23
N GLU A 9 4.93 -3.24 -14.32
CA GLU A 9 3.85 -2.32 -14.02
C GLU A 9 2.49 -3.00 -14.23
N LEU A 10 2.05 -3.68 -13.19
CA LEU A 10 0.77 -4.38 -13.24
C LEU A 10 -0.37 -3.36 -13.12
N THR A 11 -0.43 -2.73 -11.96
CA THR A 11 -1.46 -1.74 -11.70
C THR A 11 -0.98 -0.74 -10.65
N ALA A 12 -1.88 0.13 -10.24
CA ALA A 12 -1.57 1.15 -9.26
C ALA A 12 -1.41 0.48 -7.89
N LEU A 13 -2.10 -0.64 -7.73
CA LEU A 13 -2.04 -1.38 -6.48
C LEU A 13 -0.77 -2.24 -6.46
N GLU A 14 -0.74 -3.20 -7.37
CA GLU A 14 0.41 -4.10 -7.46
C GLU A 14 1.71 -3.30 -7.38
N SER A 15 1.76 -2.22 -8.13
CA SER A 15 2.93 -1.37 -8.15
C SER A 15 3.42 -1.11 -6.73
N LEU A 16 2.54 -0.54 -5.92
CA LEU A 16 2.87 -0.24 -4.54
C LEU A 16 3.39 -1.52 -3.86
N ILE A 17 2.66 -2.60 -4.06
CA ILE A 17 3.03 -3.88 -3.48
C ILE A 17 4.44 -4.23 -3.92
N GLU A 18 4.82 -3.74 -5.07
CA GLU A 18 6.15 -4.00 -5.62
C GLU A 18 7.17 -3.07 -4.96
N MET A 19 6.71 -1.88 -4.60
CA MET A 19 7.57 -0.90 -3.96
C MET A 19 8.05 -1.39 -2.60
N GLY A 20 7.30 -2.33 -2.04
CA GLY A 20 7.63 -2.90 -0.75
C GLY A 20 6.57 -2.55 0.30
N PHE A 21 5.35 -2.39 -0.19
CA PHE A 21 4.23 -2.05 0.69
C PHE A 21 3.24 -3.21 0.75
N PRO A 22 2.57 -3.32 1.93
CA PRO A 22 1.58 -4.37 2.15
C PRO A 22 0.28 -4.07 1.39
N ARG A 23 -0.25 -5.10 0.75
CA ARG A 23 -1.48 -4.96 0.00
C ARG A 23 -2.49 -4.11 0.78
N GLY A 24 -2.84 -4.60 1.96
CA GLY A 24 -3.78 -3.91 2.81
C GLY A 24 -3.58 -2.39 2.73
N ARG A 25 -2.38 -1.97 3.13
CA ARG A 25 -2.04 -0.56 3.11
C ARG A 25 -2.32 0.05 1.73
N ALA A 26 -1.53 -0.39 0.77
CA ALA A 26 -1.68 0.09 -0.60
C ALA A 26 -3.17 0.22 -0.93
N GLU A 27 -3.85 -0.92 -0.88
CA GLU A 27 -5.28 -0.96 -1.17
C GLU A 27 -5.99 0.16 -0.41
N LYS A 28 -5.68 0.25 0.87
CA LYS A 28 -6.29 1.27 1.72
C LYS A 28 -6.14 2.64 1.06
N ALA A 29 -4.91 3.15 1.12
CA ALA A 29 -4.61 4.44 0.53
C ALA A 29 -5.27 4.55 -0.85
N LEU A 30 -4.86 3.64 -1.73
CA LEU A 30 -5.40 3.62 -3.08
C LEU A 30 -6.90 3.92 -3.02
N ALA A 31 -7.52 3.52 -1.92
CA ALA A 31 -8.94 3.75 -1.73
C ALA A 31 -9.16 5.17 -1.20
N LEU A 32 -8.65 5.40 0.00
CA LEU A 32 -8.79 6.70 0.62
C LEU A 32 -8.39 7.80 -0.37
N THR A 33 -7.54 7.41 -1.31
CA THR A 33 -7.08 8.33 -2.33
C THR A 33 -7.94 8.23 -3.58
N GLY A 34 -9.20 7.88 -3.38
CA GLY A 34 -10.13 7.72 -4.48
C GLY A 34 -9.43 7.14 -5.71
N ASN A 35 -8.56 6.17 -5.45
CA ASN A 35 -7.81 5.53 -6.53
C ASN A 35 -7.37 6.58 -7.53
N GLN A 36 -6.47 7.46 -7.08
CA GLN A 36 -5.95 8.51 -7.92
C GLN A 36 -4.71 8.02 -8.68
N GLY A 37 -3.86 7.31 -7.96
CA GLY A 37 -2.64 6.78 -8.55
C GLY A 37 -1.65 6.34 -7.46
N ILE A 38 -0.41 6.13 -7.89
CA ILE A 38 0.63 5.71 -6.96
C ILE A 38 0.89 6.83 -5.96
N GLU A 39 1.36 7.95 -6.47
CA GLU A 39 1.65 9.11 -5.64
C GLU A 39 0.52 9.33 -4.63
N ALA A 40 -0.68 9.49 -5.17
CA ALA A 40 -1.85 9.71 -4.33
C ALA A 40 -1.77 8.82 -3.09
N ALA A 41 -1.67 7.52 -3.34
CA ALA A 41 -1.59 6.56 -2.26
C ALA A 41 -0.31 6.83 -1.45
N MET A 42 0.82 6.62 -2.09
CA MET A 42 2.10 6.84 -1.45
C MET A 42 2.05 8.05 -0.52
N ASP A 43 1.64 9.18 -1.09
CA ASP A 43 1.55 10.41 -0.33
C ASP A 43 0.76 10.15 0.95
N TRP A 44 -0.36 9.47 0.80
CA TRP A 44 -1.21 9.15 1.92
C TRP A 44 -0.40 8.31 2.91
N LEU A 45 0.11 7.20 2.40
CA LEU A 45 0.91 6.30 3.23
C LEU A 45 1.97 7.12 3.97
N MET A 46 2.73 7.88 3.21
CA MET A 46 3.78 8.71 3.78
C MET A 46 3.22 9.61 4.89
N GLU A 47 2.00 10.07 4.67
CA GLU A 47 1.35 10.93 5.64
C GLU A 47 0.75 10.10 6.78
N HIS A 48 0.45 8.84 6.47
CA HIS A 48 -0.12 7.94 7.45
C HIS A 48 0.98 7.06 8.03
N GLU A 49 2.22 7.43 7.75
CA GLU A 49 3.35 6.68 8.23
C GLU A 49 3.41 6.71 9.76
N ASP A 50 2.82 7.75 10.32
CA ASP A 50 2.78 7.92 11.76
C ASP A 50 1.71 6.99 12.35
N ASP A 51 0.81 6.56 11.48
CA ASP A 51 -0.26 5.66 11.90
C ASP A 51 0.34 4.45 12.62
N PRO A 52 -0.23 4.17 13.83
CA PRO A 52 0.24 3.05 14.63
C PRO A 52 -0.25 1.72 14.04
N ASP A 53 -1.57 1.58 13.98
CA ASP A 53 -2.17 0.37 13.46
C ASP A 53 -2.62 0.62 12.01
N VAL A 54 -1.68 0.45 11.09
CA VAL A 54 -1.96 0.64 9.69
C VAL A 54 -2.25 -0.70 9.03
N ASP A 55 -1.60 -1.73 9.55
CA ASP A 55 -1.77 -3.07 9.03
C ASP A 55 -1.76 -4.08 10.19
N GLU A 56 -2.69 -3.86 11.11
CA GLU A 56 -2.79 -4.73 12.27
C GLU A 56 -2.74 -6.20 11.83
N PRO A 57 -2.22 -7.05 12.76
CA PRO A 57 -2.11 -8.47 12.48
C PRO A 57 -3.47 -9.16 12.57
N LEU A 58 -3.79 -9.92 11.52
CA LEU A 58 -5.05 -10.62 11.45
C LEU A 58 -4.93 -11.94 12.22
N SER A 59 -4.97 -11.84 13.53
CA SER A 59 -4.86 -13.02 14.39
C SER A 59 -3.62 -13.82 14.01
N GLY A 60 -2.49 -13.40 14.57
CA GLY A 60 -1.23 -14.09 14.29
C GLY A 60 -0.21 -13.77 15.39
N PRO A 61 0.81 -14.68 15.48
CA PRO A 61 1.86 -14.51 16.48
C PRO A 61 2.83 -13.41 16.07
N SER A 62 3.28 -13.49 14.83
CA SER A 62 4.22 -12.50 14.30
C SER A 62 5.34 -12.26 15.31
N SER A 63 6.33 -13.14 15.28
CA SER A 63 7.46 -13.03 16.18
C SER A 63 7.05 -13.45 17.59
N GLY A 64 6.06 -12.75 18.12
CA GLY A 64 5.57 -13.04 19.45
C GLY A 64 6.21 -12.12 20.50
N GLY A 1 11.60 3.69 -26.65
CA GLY A 1 10.74 2.91 -25.78
C GLY A 1 9.82 3.83 -24.95
N SER A 2 8.79 3.23 -24.38
CA SER A 2 7.84 3.97 -23.57
C SER A 2 6.95 3.01 -22.79
N SER A 3 6.25 2.16 -23.53
CA SER A 3 5.36 1.18 -22.93
C SER A 3 5.17 -0.02 -23.87
N GLY A 4 4.61 -1.08 -23.32
CA GLY A 4 4.37 -2.28 -24.09
C GLY A 4 4.05 -3.46 -23.17
N SER A 5 4.15 -4.66 -23.75
CA SER A 5 3.87 -5.87 -23.00
C SER A 5 4.99 -6.13 -21.99
N SER A 6 4.86 -5.49 -20.83
CA SER A 6 5.84 -5.64 -19.77
C SER A 6 5.16 -6.07 -18.48
N GLY A 7 5.74 -7.09 -17.85
CA GLY A 7 5.19 -7.60 -16.61
C GLY A 7 4.94 -6.47 -15.61
N ALA A 8 6.02 -5.79 -15.25
CA ALA A 8 5.93 -4.69 -14.31
C ALA A 8 4.78 -3.76 -14.72
N GLU A 9 4.50 -2.79 -13.86
CA GLU A 9 3.44 -1.85 -14.11
C GLU A 9 2.10 -2.57 -14.22
N LEU A 10 1.94 -3.59 -13.39
CA LEU A 10 0.72 -4.37 -13.39
C LEU A 10 -0.48 -3.43 -13.22
N THR A 11 -0.54 -2.79 -12.06
CA THR A 11 -1.62 -1.86 -11.77
C THR A 11 -1.17 -0.83 -10.74
N ALA A 12 -2.15 -0.17 -10.15
CA ALA A 12 -1.87 0.84 -9.14
C ALA A 12 -1.56 0.16 -7.81
N LEU A 13 -2.24 -0.95 -7.58
CA LEU A 13 -2.04 -1.70 -6.35
C LEU A 13 -0.69 -2.43 -6.42
N GLU A 14 -0.57 -3.28 -7.43
CA GLU A 14 0.65 -4.05 -7.62
C GLU A 14 1.88 -3.14 -7.44
N SER A 15 1.89 -2.07 -8.23
CA SER A 15 3.00 -1.13 -8.17
C SER A 15 3.44 -0.92 -6.73
N LEU A 16 2.51 -0.40 -5.92
CA LEU A 16 2.79 -0.16 -4.52
C LEU A 16 3.37 -1.42 -3.89
N ILE A 17 2.64 -2.52 -4.06
CA ILE A 17 3.06 -3.80 -3.51
C ILE A 17 4.49 -4.09 -3.97
N GLU A 18 4.79 -3.63 -5.17
CA GLU A 18 6.12 -3.83 -5.74
C GLU A 18 7.17 -3.04 -4.96
N MET A 19 6.79 -1.82 -4.61
CA MET A 19 7.68 -0.94 -3.87
C MET A 19 8.09 -1.57 -2.54
N GLY A 20 7.25 -2.48 -2.07
CA GLY A 20 7.52 -3.17 -0.82
C GLY A 20 6.46 -2.83 0.24
N PHE A 21 5.26 -2.52 -0.25
CA PHE A 21 4.17 -2.18 0.63
C PHE A 21 3.14 -3.31 0.71
N PRO A 22 2.47 -3.39 1.89
CA PRO A 22 1.46 -4.42 2.10
C PRO A 22 0.18 -4.11 1.34
N ARG A 23 -0.39 -5.14 0.73
CA ARG A 23 -1.61 -4.98 -0.03
C ARG A 23 -2.60 -4.10 0.73
N GLY A 24 -2.94 -4.55 1.93
CA GLY A 24 -3.87 -3.82 2.76
C GLY A 24 -3.64 -2.31 2.65
N ARG A 25 -2.46 -1.89 3.09
CA ARG A 25 -2.11 -0.48 3.04
C ARG A 25 -2.43 0.10 1.66
N ALA A 26 -1.68 -0.35 0.67
CA ALA A 26 -1.88 0.11 -0.69
C ALA A 26 -3.39 0.25 -0.97
N GLU A 27 -4.07 -0.88 -0.87
CA GLU A 27 -5.50 -0.91 -1.11
C GLU A 27 -6.20 0.17 -0.27
N LYS A 28 -5.89 0.15 1.02
CA LYS A 28 -6.48 1.12 1.94
C LYS A 28 -6.26 2.52 1.40
N ALA A 29 -5.00 2.94 1.41
CA ALA A 29 -4.64 4.26 0.94
C ALA A 29 -5.33 4.51 -0.41
N LEU A 30 -4.89 3.76 -1.41
CA LEU A 30 -5.46 3.91 -2.74
C LEU A 30 -6.98 4.04 -2.63
N ALA A 31 -7.56 3.16 -1.84
CA ALA A 31 -9.00 3.17 -1.65
C ALA A 31 -9.42 4.51 -1.04
N LEU A 32 -8.65 4.95 -0.06
CA LEU A 32 -8.92 6.21 0.61
C LEU A 32 -8.77 7.36 -0.38
N THR A 33 -7.62 7.37 -1.05
CA THR A 33 -7.35 8.41 -2.04
C THR A 33 -8.32 8.31 -3.20
N GLY A 34 -9.05 7.20 -3.23
CA GLY A 34 -10.02 6.98 -4.29
C GLY A 34 -9.33 6.59 -5.60
N ASN A 35 -8.18 5.93 -5.45
CA ASN A 35 -7.42 5.49 -6.60
C ASN A 35 -7.09 6.71 -7.48
N GLN A 36 -6.26 7.58 -6.93
CA GLN A 36 -5.86 8.78 -7.65
C GLN A 36 -4.58 8.52 -8.44
N GLY A 37 -3.73 7.67 -7.87
CA GLY A 37 -2.47 7.33 -8.51
C GLY A 37 -1.51 6.68 -7.52
N ILE A 38 -0.38 6.23 -8.04
CA ILE A 38 0.63 5.59 -7.21
C ILE A 38 1.19 6.62 -6.22
N GLU A 39 1.69 7.71 -6.76
CA GLU A 39 2.26 8.77 -5.94
C GLU A 39 1.18 9.39 -5.06
N ALA A 40 0.01 9.59 -5.66
CA ALA A 40 -1.11 10.18 -4.93
C ALA A 40 -1.37 9.36 -3.67
N ALA A 41 -1.37 8.05 -3.83
CA ALA A 41 -1.61 7.15 -2.71
C ALA A 41 -0.44 7.25 -1.74
N MET A 42 0.75 6.92 -2.24
CA MET A 42 1.95 6.96 -1.43
C MET A 42 1.92 8.15 -0.47
N ASP A 43 1.58 9.30 -1.01
CA ASP A 43 1.51 10.52 -0.22
C ASP A 43 0.72 10.24 1.06
N TRP A 44 -0.46 9.69 0.87
CA TRP A 44 -1.33 9.37 2.00
C TRP A 44 -0.53 8.48 2.97
N LEU A 45 0.02 7.41 2.42
CA LEU A 45 0.81 6.48 3.22
C LEU A 45 1.91 7.26 3.95
N MET A 46 2.73 7.94 3.17
CA MET A 46 3.82 8.72 3.71
C MET A 46 3.32 9.69 4.79
N GLU A 47 2.13 10.21 4.55
CA GLU A 47 1.52 11.14 5.49
C GLU A 47 0.94 10.40 6.68
N HIS A 48 0.66 9.12 6.47
CA HIS A 48 0.11 8.30 7.53
C HIS A 48 1.21 7.45 8.16
N GLU A 49 2.45 7.83 7.85
CA GLU A 49 3.60 7.13 8.38
C GLU A 49 3.59 7.15 9.91
N ASP A 50 2.82 8.08 10.44
CA ASP A 50 2.71 8.22 11.88
C ASP A 50 1.82 7.12 12.44
N ASP A 51 0.83 6.74 11.63
CA ASP A 51 -0.10 5.70 12.03
C ASP A 51 0.68 4.54 12.67
N PRO A 52 0.15 4.04 13.80
CA PRO A 52 0.77 2.94 14.52
C PRO A 52 0.56 1.61 13.78
N ASP A 53 -0.71 1.25 13.64
CA ASP A 53 -1.07 0.02 12.97
C ASP A 53 -1.69 0.35 11.61
N VAL A 54 -0.83 0.45 10.61
CA VAL A 54 -1.28 0.75 9.26
C VAL A 54 -1.27 -0.53 8.43
N ASP A 55 -0.44 -1.47 8.84
CA ASP A 55 -0.34 -2.74 8.15
C ASP A 55 0.12 -3.81 9.13
N GLU A 56 -0.77 -4.14 10.05
CA GLU A 56 -0.46 -5.15 11.06
C GLU A 56 -0.99 -6.52 10.60
N PRO A 57 -0.29 -7.58 11.09
CA PRO A 57 -0.67 -8.94 10.73
C PRO A 57 -1.93 -9.37 11.49
N LEU A 58 -2.92 -9.83 10.73
CA LEU A 58 -4.16 -10.28 11.32
C LEU A 58 -4.54 -11.65 10.75
N SER A 59 -3.95 -12.68 11.35
CA SER A 59 -4.20 -14.04 10.90
C SER A 59 -3.39 -15.02 11.74
N GLY A 60 -3.69 -16.30 11.56
CA GLY A 60 -2.99 -17.35 12.29
C GLY A 60 -3.44 -17.38 13.76
N PRO A 61 -4.54 -18.13 14.01
CA PRO A 61 -5.07 -18.26 15.35
C PRO A 61 -4.20 -19.19 16.21
N SER A 62 -3.72 -20.24 15.57
CA SER A 62 -2.88 -21.20 16.26
C SER A 62 -1.41 -20.80 16.12
N SER A 63 -0.96 -20.70 14.88
CA SER A 63 0.42 -20.34 14.60
C SER A 63 0.49 -19.54 13.30
N GLY A 64 0.03 -20.17 12.23
CA GLY A 64 0.03 -19.53 10.92
C GLY A 64 -0.12 -20.56 9.81
N GLY A 1 4.62 -11.03 0.65
CA GLY A 1 5.93 -10.79 0.07
C GLY A 1 5.84 -10.63 -1.45
N SER A 2 6.96 -10.84 -2.11
CA SER A 2 7.01 -10.71 -3.56
C SER A 2 8.36 -11.24 -4.08
N SER A 3 8.35 -12.51 -4.44
CA SER A 3 9.56 -13.14 -4.95
C SER A 3 9.22 -14.00 -6.18
N GLY A 4 9.23 -13.34 -7.33
CA GLY A 4 8.92 -14.02 -8.57
C GLY A 4 9.15 -13.10 -9.78
N SER A 5 8.81 -13.62 -10.95
CA SER A 5 8.98 -12.86 -12.18
C SER A 5 8.44 -11.44 -11.99
N SER A 6 9.05 -10.51 -12.73
CA SER A 6 8.64 -9.12 -12.65
C SER A 6 7.45 -8.87 -13.58
N GLY A 7 6.86 -7.69 -13.43
CA GLY A 7 5.72 -7.31 -14.25
C GLY A 7 5.91 -5.91 -14.84
N ALA A 8 4.98 -5.54 -15.71
CA ALA A 8 5.02 -4.24 -16.34
C ALA A 8 3.89 -3.37 -15.79
N GLU A 9 4.22 -2.61 -14.75
CA GLU A 9 3.25 -1.74 -14.12
C GLU A 9 1.83 -2.32 -14.28
N LEU A 10 1.52 -3.26 -13.40
CA LEU A 10 0.21 -3.90 -13.43
C LEU A 10 -0.87 -2.86 -13.16
N THR A 11 -0.83 -2.31 -11.95
CA THR A 11 -1.80 -1.30 -11.55
C THR A 11 -1.24 -0.44 -10.41
N ALA A 12 -1.91 0.67 -10.18
CA ALA A 12 -1.50 1.58 -9.12
C ALA A 12 -1.33 0.81 -7.82
N LEU A 13 -2.13 -0.24 -7.67
CA LEU A 13 -2.08 -1.07 -6.49
C LEU A 13 -0.84 -1.96 -6.55
N GLU A 14 -0.87 -2.90 -7.48
CA GLU A 14 0.25 -3.82 -7.65
C GLU A 14 1.57 -3.07 -7.55
N SER A 15 1.67 -1.98 -8.31
CA SER A 15 2.87 -1.17 -8.32
C SER A 15 3.38 -0.97 -6.89
N LEU A 16 2.47 -0.57 -6.01
CA LEU A 16 2.81 -0.34 -4.63
C LEU A 16 3.32 -1.64 -4.01
N ILE A 17 2.53 -2.70 -4.17
CA ILE A 17 2.90 -4.00 -3.63
C ILE A 17 4.32 -4.35 -4.09
N GLU A 18 4.66 -3.87 -5.29
CA GLU A 18 5.97 -4.13 -5.85
C GLU A 18 7.04 -3.33 -5.08
N MET A 19 6.68 -2.11 -4.72
CA MET A 19 7.58 -1.24 -3.99
C MET A 19 8.00 -1.88 -2.66
N GLY A 20 7.16 -2.78 -2.19
CA GLY A 20 7.42 -3.47 -0.93
C GLY A 20 6.41 -3.05 0.14
N PHE A 21 5.22 -2.70 -0.32
CA PHE A 21 4.16 -2.28 0.59
C PHE A 21 3.12 -3.39 0.75
N PRO A 22 2.47 -3.40 1.95
CA PRO A 22 1.46 -4.40 2.24
C PRO A 22 0.15 -4.07 1.51
N ARG A 23 -0.45 -5.12 0.96
CA ARG A 23 -1.70 -4.96 0.24
C ARG A 23 -2.64 -4.02 0.98
N GLY A 24 -2.98 -4.41 2.21
CA GLY A 24 -3.86 -3.60 3.03
C GLY A 24 -3.57 -2.12 2.86
N ARG A 25 -2.32 -1.75 3.15
CA ARG A 25 -1.91 -0.36 3.03
C ARG A 25 -2.15 0.15 1.60
N ALA A 26 -1.40 -0.43 0.67
CA ALA A 26 -1.52 -0.06 -0.72
C ALA A 26 -2.99 0.17 -1.06
N GLU A 27 -3.77 -0.91 -0.94
CA GLU A 27 -5.19 -0.83 -1.22
C GLU A 27 -5.85 0.29 -0.41
N LYS A 28 -5.72 0.18 0.90
CA LYS A 28 -6.29 1.17 1.80
C LYS A 28 -5.95 2.57 1.28
N ALA A 29 -4.66 2.86 1.24
CA ALA A 29 -4.21 4.15 0.77
C ALA A 29 -4.88 4.48 -0.56
N LEU A 30 -4.58 3.67 -1.56
CA LEU A 30 -5.15 3.87 -2.88
C LEU A 30 -6.63 4.25 -2.74
N ALA A 31 -7.37 3.38 -2.08
CA ALA A 31 -8.79 3.61 -1.87
C ALA A 31 -8.99 5.03 -1.32
N LEU A 32 -8.38 5.28 -0.18
CA LEU A 32 -8.48 6.59 0.46
C LEU A 32 -8.35 7.68 -0.61
N THR A 33 -7.35 7.50 -1.47
CA THR A 33 -7.11 8.46 -2.53
C THR A 33 -7.93 8.11 -3.77
N GLY A 34 -9.17 7.71 -3.53
CA GLY A 34 -10.07 7.33 -4.61
C GLY A 34 -9.31 6.61 -5.72
N ASN A 35 -8.42 5.72 -5.30
CA ASN A 35 -7.63 4.95 -6.25
C ASN A 35 -7.17 5.87 -7.38
N GLN A 36 -6.42 6.90 -7.00
CA GLN A 36 -5.91 7.86 -7.98
C GLN A 36 -4.64 7.31 -8.62
N GLY A 37 -3.72 6.85 -7.77
CA GLY A 37 -2.46 6.31 -8.26
C GLY A 37 -1.46 6.18 -7.11
N ILE A 38 -0.23 5.85 -7.48
CA ILE A 38 0.82 5.69 -6.50
C ILE A 38 1.04 7.01 -5.76
N GLU A 39 1.50 8.00 -6.50
CA GLU A 39 1.74 9.32 -5.92
C GLU A 39 0.64 9.67 -4.90
N ALA A 40 -0.58 9.71 -5.40
CA ALA A 40 -1.73 10.04 -4.56
C ALA A 40 -1.69 9.14 -3.32
N ALA A 41 -1.51 7.86 -3.55
CA ALA A 41 -1.46 6.90 -2.47
C ALA A 41 -0.32 7.27 -1.52
N MET A 42 0.89 7.25 -2.05
CA MET A 42 2.06 7.58 -1.26
C MET A 42 1.79 8.77 -0.33
N ASP A 43 1.09 9.76 -0.89
CA ASP A 43 0.75 10.94 -0.12
C ASP A 43 0.10 10.52 1.20
N TRP A 44 -0.82 9.58 1.10
CA TRP A 44 -1.52 9.08 2.28
C TRP A 44 -0.54 8.21 3.08
N LEU A 45 0.00 7.22 2.40
CA LEU A 45 0.95 6.31 3.04
C LEU A 45 1.96 7.13 3.85
N MET A 46 2.67 7.98 3.15
CA MET A 46 3.67 8.83 3.79
C MET A 46 3.08 9.56 5.00
N GLU A 47 1.75 9.68 4.98
CA GLU A 47 1.06 10.35 6.06
C GLU A 47 0.66 9.35 7.15
N HIS A 48 0.45 8.11 6.71
CA HIS A 48 0.06 7.05 7.63
C HIS A 48 1.25 6.11 7.86
N GLU A 49 2.43 6.60 7.51
CA GLU A 49 3.64 5.82 7.67
C GLU A 49 4.11 5.86 9.13
N ASP A 50 3.67 6.89 9.83
CA ASP A 50 4.04 7.06 11.22
C ASP A 50 2.78 6.88 12.10
N ASP A 51 1.80 6.19 11.53
CA ASP A 51 0.55 5.96 12.24
C ASP A 51 0.73 4.76 13.18
N PRO A 52 0.01 4.82 14.32
CA PRO A 52 0.08 3.76 15.32
C PRO A 52 -0.69 2.53 14.85
N ASP A 53 -1.66 2.76 13.98
CA ASP A 53 -2.47 1.69 13.45
C ASP A 53 -2.76 1.95 11.96
N VAL A 54 -2.09 1.17 11.13
CA VAL A 54 -2.26 1.30 9.70
C VAL A 54 -2.81 -0.01 9.13
N ASP A 55 -2.14 -1.10 9.47
CA ASP A 55 -2.54 -2.41 9.01
C ASP A 55 -3.91 -2.76 9.60
N GLU A 56 -4.00 -2.59 10.91
CA GLU A 56 -5.25 -2.87 11.62
C GLU A 56 -6.35 -1.89 11.18
N PRO A 57 -7.61 -2.39 11.25
CA PRO A 57 -8.75 -1.57 10.87
C PRO A 57 -9.05 -0.53 11.95
N LEU A 58 -9.87 0.45 11.58
CA LEU A 58 -10.25 1.50 12.50
C LEU A 58 -11.65 1.21 13.05
N SER A 59 -11.70 0.29 14.00
CA SER A 59 -12.96 -0.09 14.61
C SER A 59 -12.73 -1.16 15.67
N GLY A 60 -12.37 -0.72 16.86
CA GLY A 60 -12.11 -1.63 17.96
C GLY A 60 -11.28 -2.82 17.50
N PRO A 61 -9.93 -2.69 17.66
CA PRO A 61 -9.02 -3.75 17.26
C PRO A 61 -9.06 -4.90 18.26
N SER A 62 -10.24 -5.47 18.42
CA SER A 62 -10.43 -6.58 19.34
C SER A 62 -10.37 -6.07 20.79
N SER A 63 -9.15 -5.75 21.21
CA SER A 63 -8.94 -5.26 22.57
C SER A 63 -9.63 -3.91 22.74
N GLY A 64 -8.90 -2.86 22.36
CA GLY A 64 -9.43 -1.51 22.47
C GLY A 64 -8.36 -0.55 23.01
N GLY A 1 10.90 -7.86 0.85
CA GLY A 1 11.84 -8.10 -0.23
C GLY A 1 11.31 -7.56 -1.57
N SER A 2 12.10 -6.71 -2.18
CA SER A 2 11.72 -6.13 -3.46
C SER A 2 11.82 -7.19 -4.56
N SER A 3 11.28 -6.82 -5.73
CA SER A 3 11.30 -7.72 -6.87
C SER A 3 12.47 -7.37 -7.80
N GLY A 4 12.45 -6.13 -8.27
CA GLY A 4 13.49 -5.67 -9.18
C GLY A 4 12.90 -4.97 -10.40
N SER A 5 12.85 -5.71 -11.49
CA SER A 5 12.30 -5.18 -12.73
C SER A 5 11.58 -6.28 -13.50
N SER A 6 10.27 -6.19 -13.53
CA SER A 6 9.45 -7.17 -14.23
C SER A 6 8.03 -6.64 -14.42
N GLY A 7 7.72 -6.27 -15.66
CA GLY A 7 6.41 -5.74 -15.97
C GLY A 7 6.45 -4.22 -16.13
N ALA A 8 5.31 -3.68 -16.55
CA ALA A 8 5.20 -2.24 -16.75
C ALA A 8 4.09 -1.70 -15.84
N GLU A 9 4.46 -1.45 -14.59
CA GLU A 9 3.51 -0.93 -13.62
C GLU A 9 2.13 -1.56 -13.83
N LEU A 10 1.90 -2.65 -13.12
CA LEU A 10 0.63 -3.36 -13.22
C LEU A 10 -0.51 -2.35 -13.09
N THR A 11 -0.64 -1.81 -11.89
CA THR A 11 -1.69 -0.84 -11.61
C THR A 11 -1.27 0.09 -10.47
N ALA A 12 -2.27 0.52 -9.70
CA ALA A 12 -2.01 1.40 -8.58
C ALA A 12 -1.75 0.57 -7.32
N LEU A 13 -2.30 -0.64 -7.33
CA LEU A 13 -2.13 -1.55 -6.20
C LEU A 13 -0.86 -2.38 -6.41
N GLU A 14 -0.89 -3.20 -7.46
CA GLU A 14 0.25 -4.04 -7.77
C GLU A 14 1.54 -3.25 -7.69
N SER A 15 1.48 -2.01 -8.19
CA SER A 15 2.63 -1.14 -8.18
C SER A 15 3.20 -1.03 -6.77
N LEU A 16 2.44 -0.35 -5.92
CA LEU A 16 2.84 -0.16 -4.53
C LEU A 16 3.25 -1.52 -3.93
N ILE A 17 2.47 -2.53 -4.29
CA ILE A 17 2.72 -3.87 -3.79
C ILE A 17 4.06 -4.37 -4.33
N GLU A 18 4.41 -3.87 -5.51
CA GLU A 18 5.65 -4.25 -6.14
C GLU A 18 6.81 -3.41 -5.59
N MET A 19 6.46 -2.49 -4.70
CA MET A 19 7.45 -1.62 -4.09
C MET A 19 7.93 -2.20 -2.75
N GLY A 20 7.16 -3.14 -2.24
CA GLY A 20 7.49 -3.77 -0.98
C GLY A 20 6.44 -3.44 0.09
N PHE A 21 5.59 -2.49 -0.25
CA PHE A 21 4.54 -2.06 0.67
C PHE A 21 3.49 -3.15 0.84
N PRO A 22 2.83 -3.14 2.03
CA PRO A 22 1.80 -4.12 2.32
C PRO A 22 0.51 -3.80 1.57
N ARG A 23 -0.10 -4.85 1.03
CA ARG A 23 -1.34 -4.70 0.28
C ARG A 23 -2.33 -3.86 1.09
N GLY A 24 -2.64 -4.35 2.28
CA GLY A 24 -3.59 -3.66 3.15
C GLY A 24 -3.40 -2.14 3.06
N ARG A 25 -2.16 -1.71 3.25
CA ARG A 25 -1.84 -0.30 3.19
C ARG A 25 -2.13 0.25 1.79
N ALA A 26 -1.32 -0.20 0.85
CA ALA A 26 -1.47 0.24 -0.53
C ALA A 26 -2.96 0.30 -0.88
N GLU A 27 -3.62 -0.84 -0.77
CA GLU A 27 -5.03 -0.93 -1.07
C GLU A 27 -5.80 0.15 -0.32
N LYS A 28 -5.65 0.14 0.99
CA LYS A 28 -6.33 1.11 1.84
C LYS A 28 -6.08 2.52 1.28
N ALA A 29 -4.81 2.85 1.13
CA ALA A 29 -4.43 4.16 0.62
C ALA A 29 -5.14 4.39 -0.73
N LEU A 30 -4.87 3.49 -1.66
CA LEU A 30 -5.46 3.58 -2.99
C LEU A 30 -6.98 3.78 -2.85
N ALA A 31 -7.49 3.35 -1.71
CA ALA A 31 -8.91 3.46 -1.44
C ALA A 31 -9.23 4.91 -1.04
N LEU A 32 -8.64 5.33 0.05
CA LEU A 32 -8.86 6.69 0.55
C LEU A 32 -8.63 7.68 -0.60
N THR A 33 -7.48 7.55 -1.24
CA THR A 33 -7.14 8.43 -2.34
C THR A 33 -8.24 8.39 -3.40
N GLY A 34 -8.58 7.19 -3.83
CA GLY A 34 -9.61 7.00 -4.84
C GLY A 34 -9.02 6.46 -6.13
N ASN A 35 -8.04 5.57 -5.98
CA ASN A 35 -7.40 4.97 -7.13
C ASN A 35 -7.07 6.06 -8.15
N GLN A 36 -6.36 7.07 -7.67
CA GLN A 36 -5.98 8.18 -8.53
C GLN A 36 -4.60 7.92 -9.15
N GLY A 37 -3.68 7.48 -8.31
CA GLY A 37 -2.33 7.19 -8.75
C GLY A 37 -1.46 6.71 -7.58
N ILE A 38 -0.18 6.52 -7.88
CA ILE A 38 0.76 6.07 -6.87
C ILE A 38 1.07 7.23 -5.92
N GLU A 39 1.57 8.31 -6.49
CA GLU A 39 1.92 9.48 -5.71
C GLU A 39 0.80 9.80 -4.71
N ALA A 40 -0.41 9.93 -5.24
CA ALA A 40 -1.56 10.23 -4.42
C ALA A 40 -1.59 9.26 -3.23
N ALA A 41 -1.50 7.99 -3.55
CA ALA A 41 -1.51 6.96 -2.51
C ALA A 41 -0.33 7.17 -1.57
N MET A 42 0.86 7.13 -2.16
CA MET A 42 2.08 7.32 -1.39
C MET A 42 1.88 8.37 -0.29
N ASP A 43 1.49 9.56 -0.72
CA ASP A 43 1.27 10.65 0.22
C ASP A 43 0.41 10.15 1.38
N TRP A 44 -0.64 9.42 1.03
CA TRP A 44 -1.55 8.88 2.03
C TRP A 44 -0.74 7.99 2.98
N LEU A 45 0.05 7.11 2.38
CA LEU A 45 0.88 6.20 3.17
C LEU A 45 1.78 7.02 4.08
N MET A 46 2.32 8.09 3.52
CA MET A 46 3.21 8.95 4.28
C MET A 46 2.49 9.55 5.49
N GLU A 47 1.21 9.80 5.31
CA GLU A 47 0.40 10.37 6.38
C GLU A 47 0.04 9.29 7.40
N HIS A 48 -0.33 8.13 6.87
CA HIS A 48 -0.71 7.01 7.72
C HIS A 48 0.51 6.14 7.99
N GLU A 49 1.68 6.71 7.73
CA GLU A 49 2.93 5.99 7.94
C GLU A 49 3.09 5.60 9.41
N ASP A 50 2.54 6.45 10.27
CA ASP A 50 2.61 6.21 11.70
C ASP A 50 1.19 6.10 12.27
N ASP A 51 0.28 5.70 11.40
CA ASP A 51 -1.11 5.54 11.78
C ASP A 51 -1.19 4.71 13.07
N PRO A 52 -2.29 4.93 13.84
CA PRO A 52 -2.49 4.22 15.09
C PRO A 52 -2.91 2.76 14.82
N ASP A 53 -3.50 2.55 13.65
CA ASP A 53 -3.96 1.23 13.27
C ASP A 53 -4.18 1.19 11.76
N VAL A 54 -3.13 0.81 11.04
CA VAL A 54 -3.20 0.72 9.59
C VAL A 54 -3.59 -0.70 9.19
N ASP A 55 -3.48 -1.60 10.15
CA ASP A 55 -3.82 -2.99 9.90
C ASP A 55 -5.34 -3.14 9.89
N GLU A 56 -5.98 -2.53 10.87
CA GLU A 56 -7.43 -2.58 10.97
C GLU A 56 -8.08 -2.29 9.62
N PRO A 57 -9.20 -2.99 9.35
CA PRO A 57 -9.92 -2.81 8.11
C PRO A 57 -10.71 -1.50 8.11
N LEU A 58 -11.19 -1.13 6.93
CA LEU A 58 -11.95 0.10 6.78
C LEU A 58 -13.45 -0.22 6.93
N SER A 59 -13.72 -1.47 7.31
CA SER A 59 -15.09 -1.91 7.48
C SER A 59 -15.17 -2.95 8.60
N GLY A 60 -15.32 -2.45 9.82
CA GLY A 60 -15.41 -3.32 10.97
C GLY A 60 -14.17 -3.19 11.85
N PRO A 61 -14.28 -2.34 12.91
CA PRO A 61 -13.19 -2.13 13.83
C PRO A 61 -13.01 -3.32 14.76
N SER A 62 -11.75 -3.56 15.11
CA SER A 62 -11.43 -4.67 16.00
C SER A 62 -11.20 -4.16 17.42
N SER A 63 -10.26 -3.22 17.53
CA SER A 63 -9.93 -2.65 18.82
C SER A 63 -11.18 -2.02 19.44
N GLY A 64 -11.68 -2.67 20.48
CA GLY A 64 -12.86 -2.19 21.17
C GLY A 64 -13.78 -3.35 21.56
N GLY A 1 -5.15 -9.98 -17.43
CA GLY A 1 -3.91 -10.57 -17.90
C GLY A 1 -2.70 -9.88 -17.28
N SER A 2 -1.71 -9.61 -18.12
CA SER A 2 -0.50 -8.96 -17.66
C SER A 2 0.26 -9.87 -16.71
N SER A 3 1.38 -10.40 -17.19
CA SER A 3 2.20 -11.29 -16.39
C SER A 3 3.11 -10.47 -15.45
N GLY A 4 3.22 -10.94 -14.22
CA GLY A 4 4.06 -10.27 -13.24
C GLY A 4 5.42 -10.95 -13.13
N SER A 5 5.84 -11.13 -11.88
CA SER A 5 7.13 -11.77 -11.62
C SER A 5 8.27 -10.80 -11.96
N SER A 6 8.30 -10.39 -13.21
CA SER A 6 9.32 -9.48 -13.67
C SER A 6 8.90 -8.03 -13.39
N GLY A 7 9.90 -7.17 -13.27
CA GLY A 7 9.65 -5.76 -13.00
C GLY A 7 8.82 -5.12 -14.11
N ALA A 8 7.65 -4.64 -13.74
CA ALA A 8 6.77 -4.00 -14.69
C ALA A 8 5.67 -3.24 -13.94
N GLU A 9 4.78 -2.64 -14.70
CA GLU A 9 3.68 -1.87 -14.12
C GLU A 9 2.37 -2.63 -14.28
N LEU A 10 2.12 -3.54 -13.35
CA LEU A 10 0.91 -4.34 -13.39
C LEU A 10 -0.30 -3.42 -13.18
N THR A 11 -0.36 -2.83 -12.00
CA THR A 11 -1.46 -1.92 -11.67
C THR A 11 -1.03 -0.96 -10.56
N ALA A 12 -1.86 0.05 -10.35
CA ALA A 12 -1.60 1.04 -9.33
C ALA A 12 -1.32 0.34 -8.00
N LEU A 13 -2.15 -0.65 -7.70
CA LEU A 13 -2.00 -1.40 -6.47
C LEU A 13 -0.70 -2.20 -6.51
N GLU A 14 -0.66 -3.16 -7.42
CA GLU A 14 0.52 -4.00 -7.57
C GLU A 14 1.78 -3.15 -7.48
N SER A 15 1.82 -2.11 -8.31
CA SER A 15 2.96 -1.22 -8.34
C SER A 15 3.47 -0.98 -6.91
N LEU A 16 2.64 -0.34 -6.12
CA LEU A 16 2.99 -0.04 -4.74
C LEU A 16 3.46 -1.33 -4.05
N ILE A 17 2.65 -2.36 -4.20
CA ILE A 17 2.95 -3.65 -3.60
C ILE A 17 4.39 -4.03 -3.95
N GLU A 18 4.82 -3.58 -5.12
CA GLU A 18 6.17 -3.88 -5.59
C GLU A 18 7.19 -3.01 -4.83
N MET A 19 6.75 -1.82 -4.46
CA MET A 19 7.60 -0.89 -3.75
C MET A 19 7.96 -1.44 -2.36
N GLY A 20 7.14 -2.37 -1.90
CA GLY A 20 7.35 -2.99 -0.60
C GLY A 20 6.22 -2.63 0.36
N PHE A 21 5.06 -2.36 -0.22
CA PHE A 21 3.89 -2.01 0.58
C PHE A 21 2.90 -3.18 0.62
N PRO A 22 2.26 -3.34 1.81
CA PRO A 22 1.29 -4.39 2.00
C PRO A 22 -0.03 -4.07 1.30
N ARG A 23 -0.64 -5.11 0.75
CA ARG A 23 -1.90 -4.94 0.05
C ARG A 23 -2.85 -4.07 0.87
N GLY A 24 -3.03 -4.46 2.12
CA GLY A 24 -3.91 -3.72 3.01
C GLY A 24 -3.67 -2.22 2.91
N ARG A 25 -2.49 -1.81 3.36
CA ARG A 25 -2.12 -0.40 3.33
C ARG A 25 -2.34 0.16 1.93
N ALA A 26 -1.54 -0.34 0.98
CA ALA A 26 -1.63 0.11 -0.39
C ALA A 26 -3.11 0.30 -0.77
N GLU A 27 -3.84 -0.81 -0.71
CA GLU A 27 -5.26 -0.77 -1.04
C GLU A 27 -5.98 0.28 -0.19
N LYS A 28 -5.99 0.05 1.10
CA LYS A 28 -6.64 0.96 2.03
C LYS A 28 -6.35 2.40 1.60
N ALA A 29 -5.06 2.66 1.37
CA ALA A 29 -4.63 3.99 0.96
C ALA A 29 -5.22 4.31 -0.42
N LEU A 30 -4.74 3.58 -1.41
CA LEU A 30 -5.20 3.77 -2.77
C LEU A 30 -6.72 3.97 -2.77
N ALA A 31 -7.36 3.36 -1.78
CA ALA A 31 -8.80 3.46 -1.65
C ALA A 31 -9.17 4.85 -1.11
N LEU A 32 -8.65 5.13 0.08
CA LEU A 32 -8.92 6.41 0.72
C LEU A 32 -8.75 7.53 -0.30
N THR A 33 -7.55 7.58 -0.88
CA THR A 33 -7.23 8.60 -1.87
C THR A 33 -8.33 8.65 -2.93
N GLY A 34 -8.69 7.47 -3.42
CA GLY A 34 -9.71 7.37 -4.45
C GLY A 34 -9.13 6.82 -5.76
N ASN A 35 -8.22 5.87 -5.60
CA ASN A 35 -7.59 5.25 -6.76
C ASN A 35 -7.20 6.34 -7.77
N GLN A 36 -6.38 7.27 -7.31
CA GLN A 36 -5.92 8.36 -8.15
C GLN A 36 -4.68 7.95 -8.94
N GLY A 37 -3.72 7.40 -8.21
CA GLY A 37 -2.48 6.95 -8.83
C GLY A 37 -1.48 6.49 -7.76
N ILE A 38 -0.22 6.40 -8.18
CA ILE A 38 0.84 5.97 -7.28
C ILE A 38 1.08 7.07 -6.24
N GLU A 39 1.48 8.23 -6.72
CA GLU A 39 1.76 9.36 -5.85
C GLU A 39 0.62 9.53 -4.84
N ALA A 40 -0.58 9.71 -5.36
CA ALA A 40 -1.75 9.89 -4.51
C ALA A 40 -1.66 8.92 -3.33
N ALA A 41 -1.41 7.66 -3.65
CA ALA A 41 -1.30 6.63 -2.64
C ALA A 41 -0.11 6.94 -1.73
N MET A 42 1.08 6.84 -2.32
CA MET A 42 2.30 7.11 -1.56
C MET A 42 2.10 8.29 -0.61
N ASP A 43 1.22 9.20 -1.00
CA ASP A 43 0.95 10.36 -0.19
C ASP A 43 0.39 9.92 1.17
N TRP A 44 -0.68 9.14 1.10
CA TRP A 44 -1.33 8.65 2.30
C TRP A 44 -0.29 7.86 3.11
N LEU A 45 0.32 6.90 2.44
CA LEU A 45 1.33 6.06 3.07
C LEU A 45 2.40 6.97 3.69
N MET A 46 2.89 7.90 2.89
CA MET A 46 3.91 8.84 3.35
C MET A 46 3.40 9.67 4.53
N GLU A 47 2.30 10.36 4.28
CA GLU A 47 1.71 11.20 5.31
C GLU A 47 1.39 10.37 6.55
N HIS A 48 1.07 9.10 6.31
CA HIS A 48 0.74 8.20 7.40
C HIS A 48 1.95 7.33 7.74
N GLU A 49 3.10 7.74 7.20
CA GLU A 49 4.33 7.02 7.43
C GLU A 49 4.59 6.89 8.94
N ASP A 50 3.94 7.75 9.70
CA ASP A 50 4.09 7.74 11.14
C ASP A 50 2.92 6.97 11.77
N ASP A 51 2.22 6.23 10.93
CA ASP A 51 1.09 5.45 11.38
C ASP A 51 1.49 4.65 12.62
N PRO A 52 0.44 4.14 13.33
CA PRO A 52 0.68 3.35 14.54
C PRO A 52 1.19 1.95 14.19
N ASP A 53 0.87 1.52 12.98
CA ASP A 53 1.29 0.21 12.52
C ASP A 53 1.02 0.09 11.02
N VAL A 54 2.05 0.45 10.25
CA VAL A 54 1.93 0.39 8.79
C VAL A 54 2.89 -0.67 8.26
N ASP A 55 4.15 -0.54 8.66
CA ASP A 55 5.17 -1.49 8.22
C ASP A 55 5.28 -2.61 9.25
N GLU A 56 4.15 -3.23 9.55
CA GLU A 56 4.12 -4.31 10.50
C GLU A 56 3.77 -5.64 9.81
N PRO A 57 4.19 -6.75 10.46
CA PRO A 57 3.92 -8.07 9.92
C PRO A 57 2.45 -8.46 10.10
N LEU A 58 2.20 -9.76 9.98
CA LEU A 58 0.85 -10.27 10.13
C LEU A 58 0.44 -10.19 11.61
N SER A 59 0.02 -11.34 12.13
CA SER A 59 -0.40 -11.41 13.51
C SER A 59 0.21 -12.64 14.18
N GLY A 60 0.37 -12.54 15.50
CA GLY A 60 0.95 -13.64 16.26
C GLY A 60 1.93 -13.12 17.31
N PRO A 61 2.78 -14.05 17.81
CA PRO A 61 3.77 -13.69 18.82
C PRO A 61 4.92 -12.90 18.20
N SER A 62 4.63 -11.65 17.88
CA SER A 62 5.63 -10.78 17.28
C SER A 62 5.95 -9.62 18.22
N SER A 63 7.16 -9.65 18.76
CA SER A 63 7.60 -8.61 19.69
C SER A 63 9.06 -8.84 20.08
N GLY A 64 9.73 -7.75 20.40
CA GLY A 64 11.13 -7.82 20.79
C GLY A 64 11.79 -6.44 20.71
N GLY A 1 8.91 -12.41 -4.03
CA GLY A 1 7.77 -13.31 -4.18
C GLY A 1 6.71 -13.03 -3.12
N SER A 2 5.50 -12.81 -3.59
CA SER A 2 4.38 -12.52 -2.70
C SER A 2 3.08 -12.51 -3.49
N SER A 3 3.02 -11.63 -4.48
CA SER A 3 1.84 -11.50 -5.32
C SER A 3 1.68 -12.75 -6.19
N GLY A 4 2.71 -13.00 -6.98
CA GLY A 4 2.69 -14.16 -7.87
C GLY A 4 3.00 -13.73 -9.32
N SER A 5 1.99 -13.14 -9.94
CA SER A 5 2.14 -12.67 -11.31
C SER A 5 3.39 -11.82 -11.46
N SER A 6 4.28 -12.27 -12.34
CA SER A 6 5.52 -11.56 -12.58
C SER A 6 5.38 -10.64 -13.79
N GLY A 7 5.56 -9.35 -13.55
CA GLY A 7 5.45 -8.36 -14.61
C GLY A 7 6.06 -7.03 -14.17
N ALA A 8 5.44 -5.96 -14.63
CA ALA A 8 5.91 -4.62 -14.30
C ALA A 8 4.78 -3.61 -14.54
N GLU A 9 4.80 -2.55 -13.74
CA GLU A 9 3.78 -1.52 -13.85
C GLU A 9 2.40 -2.14 -14.02
N LEU A 10 2.20 -3.25 -13.31
CA LEU A 10 0.93 -3.95 -13.39
C LEU A 10 -0.22 -2.94 -13.25
N THR A 11 -0.29 -2.33 -12.08
CA THR A 11 -1.32 -1.34 -11.82
C THR A 11 -0.86 -0.37 -10.73
N ALA A 12 -1.83 0.35 -10.18
CA ALA A 12 -1.54 1.31 -9.13
C ALA A 12 -1.26 0.57 -7.82
N LEU A 13 -2.04 -0.47 -7.59
CA LEU A 13 -1.89 -1.27 -6.39
C LEU A 13 -0.61 -2.12 -6.50
N GLU A 14 -0.63 -3.02 -7.47
CA GLU A 14 0.51 -3.90 -7.69
C GLU A 14 1.81 -3.12 -7.51
N SER A 15 1.88 -1.97 -8.16
CA SER A 15 3.06 -1.12 -8.09
C SER A 15 3.49 -0.98 -6.63
N LEU A 16 2.62 -0.38 -5.84
CA LEU A 16 2.90 -0.17 -4.43
C LEU A 16 3.30 -1.51 -3.79
N ILE A 17 2.60 -2.55 -4.18
CA ILE A 17 2.87 -3.88 -3.66
C ILE A 17 4.27 -4.32 -4.08
N GLU A 18 4.73 -3.73 -5.18
CA GLU A 18 6.04 -4.05 -5.70
C GLU A 18 7.11 -3.22 -4.99
N MET A 19 6.64 -2.22 -4.26
CA MET A 19 7.54 -1.35 -3.52
C MET A 19 7.85 -1.92 -2.14
N GLY A 20 7.06 -2.92 -1.75
CA GLY A 20 7.24 -3.56 -0.46
C GLY A 20 6.02 -3.33 0.44
N PHE A 21 5.19 -2.38 0.03
CA PHE A 21 3.99 -2.07 0.78
C PHE A 21 3.01 -3.23 0.76
N PRO A 22 2.39 -3.48 1.94
CA PRO A 22 1.42 -4.56 2.07
C PRO A 22 0.09 -4.19 1.41
N ARG A 23 -0.46 -5.15 0.69
CA ARG A 23 -1.73 -4.93 0.00
C ARG A 23 -2.70 -4.17 0.90
N GLY A 24 -3.03 -4.80 2.03
CA GLY A 24 -3.95 -4.20 2.98
C GLY A 24 -3.63 -2.72 3.18
N ARG A 25 -2.33 -2.43 3.20
CA ARG A 25 -1.87 -1.06 3.39
C ARG A 25 -2.00 -0.27 2.07
N ALA A 26 -1.37 -0.81 1.04
CA ALA A 26 -1.40 -0.17 -0.26
C ALA A 26 -2.85 0.09 -0.67
N GLU A 27 -3.62 -0.99 -0.71
CA GLU A 27 -5.02 -0.89 -1.08
C GLU A 27 -5.70 0.25 -0.32
N LYS A 28 -5.51 0.23 0.99
CA LYS A 28 -6.10 1.27 1.84
C LYS A 28 -5.96 2.62 1.16
N ALA A 29 -4.74 3.13 1.15
CA ALA A 29 -4.47 4.42 0.54
C ALA A 29 -5.21 4.51 -0.79
N LEU A 30 -4.81 3.65 -1.73
CA LEU A 30 -5.42 3.62 -3.04
C LEU A 30 -6.93 3.83 -2.90
N ALA A 31 -7.48 3.24 -1.84
CA ALA A 31 -8.91 3.36 -1.58
C ALA A 31 -9.21 4.77 -1.08
N LEU A 32 -8.78 5.03 0.15
CA LEU A 32 -9.00 6.33 0.77
C LEU A 32 -8.76 7.42 -0.27
N THR A 33 -7.56 7.42 -0.82
CA THR A 33 -7.20 8.41 -1.84
C THR A 33 -8.32 8.55 -2.87
N GLY A 34 -8.78 7.41 -3.36
CA GLY A 34 -9.83 7.39 -4.34
C GLY A 34 -9.32 6.85 -5.69
N ASN A 35 -8.41 5.91 -5.60
CA ASN A 35 -7.84 5.30 -6.79
C ASN A 35 -7.47 6.40 -7.79
N GLN A 36 -6.56 7.27 -7.36
CA GLN A 36 -6.13 8.36 -8.21
C GLN A 36 -4.80 8.02 -8.89
N GLY A 37 -3.92 7.40 -8.11
CA GLY A 37 -2.62 7.00 -8.62
C GLY A 37 -1.64 6.74 -7.48
N ILE A 38 -0.40 6.45 -7.86
CA ILE A 38 0.64 6.18 -6.87
C ILE A 38 0.94 7.46 -6.09
N GLU A 39 1.52 8.42 -6.78
CA GLU A 39 1.86 9.69 -6.17
C GLU A 39 0.77 10.12 -5.18
N ALA A 40 -0.47 9.91 -5.61
CA ALA A 40 -1.61 10.27 -4.78
C ALA A 40 -1.65 9.34 -3.56
N ALA A 41 -1.56 8.05 -3.83
CA ALA A 41 -1.60 7.05 -2.78
C ALA A 41 -0.39 7.25 -1.86
N MET A 42 0.79 7.12 -2.44
CA MET A 42 2.02 7.29 -1.68
C MET A 42 1.88 8.42 -0.66
N ASP A 43 1.51 9.58 -1.15
CA ASP A 43 1.34 10.75 -0.30
C ASP A 43 0.63 10.33 0.99
N TRP A 44 -0.44 9.55 0.82
CA TRP A 44 -1.20 9.08 1.95
C TRP A 44 -0.29 8.20 2.82
N LEU A 45 0.17 7.11 2.22
CA LEU A 45 1.04 6.20 2.93
C LEU A 45 2.09 7.00 3.71
N MET A 46 2.75 7.90 3.00
CA MET A 46 3.77 8.74 3.62
C MET A 46 3.19 9.53 4.80
N GLU A 47 1.98 10.04 4.58
CA GLU A 47 1.31 10.83 5.60
C GLU A 47 0.90 9.93 6.78
N HIS A 48 0.84 8.63 6.49
CA HIS A 48 0.47 7.67 7.51
C HIS A 48 1.70 6.87 7.94
N GLU A 49 2.85 7.32 7.46
CA GLU A 49 4.10 6.66 7.79
C GLU A 49 4.36 6.70 9.30
N ASP A 50 3.57 7.54 9.96
CA ASP A 50 3.70 7.69 11.41
C ASP A 50 2.67 6.79 12.10
N ASP A 51 1.57 6.58 11.42
CA ASP A 51 0.50 5.75 11.95
C ASP A 51 1.07 4.37 12.30
N PRO A 52 0.60 3.84 13.46
CA PRO A 52 1.05 2.53 13.91
C PRO A 52 0.41 1.40 13.09
N ASP A 53 -0.91 1.41 13.08
CA ASP A 53 -1.66 0.41 12.35
C ASP A 53 -2.33 1.07 11.14
N VAL A 54 -1.69 0.93 9.99
CA VAL A 54 -2.20 1.50 8.77
C VAL A 54 -2.64 0.38 7.83
N ASP A 55 -1.90 -0.72 7.88
CA ASP A 55 -2.20 -1.88 7.06
C ASP A 55 -3.46 -2.57 7.58
N GLU A 56 -3.44 -2.87 8.87
CA GLU A 56 -4.57 -3.52 9.50
C GLU A 56 -5.64 -2.50 9.87
N PRO A 57 -6.90 -3.00 9.99
CA PRO A 57 -8.01 -2.13 10.33
C PRO A 57 -7.99 -1.76 11.82
N LEU A 58 -8.58 -0.62 12.13
CA LEU A 58 -8.64 -0.14 13.50
C LEU A 58 -9.77 -0.85 14.24
N SER A 59 -9.44 -2.02 14.78
CA SER A 59 -10.43 -2.79 15.51
C SER A 59 -9.74 -3.98 16.20
N GLY A 60 -10.29 -4.35 17.35
CA GLY A 60 -9.75 -5.47 18.11
C GLY A 60 -8.53 -5.03 18.92
N PRO A 61 -8.79 -4.68 20.22
CA PRO A 61 -7.73 -4.24 21.10
C PRO A 61 -6.87 -5.43 21.56
N SER A 62 -7.56 -6.49 21.94
CA SER A 62 -6.87 -7.70 22.39
C SER A 62 -7.29 -8.89 21.54
N SER A 63 -6.44 -9.91 21.55
CA SER A 63 -6.71 -11.11 20.78
C SER A 63 -6.67 -12.34 21.70
N GLY A 64 -7.84 -12.95 21.86
CA GLY A 64 -7.95 -14.12 22.70
C GLY A 64 -8.45 -15.33 21.90
N GLY A 1 -7.24 -4.80 -20.30
CA GLY A 1 -6.06 -5.33 -19.65
C GLY A 1 -5.32 -6.31 -20.57
N SER A 2 -4.77 -5.76 -21.65
CA SER A 2 -4.04 -6.56 -22.60
C SER A 2 -2.80 -5.82 -23.08
N SER A 3 -3.02 -4.64 -23.64
CA SER A 3 -1.94 -3.81 -24.13
C SER A 3 -0.99 -3.45 -22.97
N GLY A 4 0.28 -3.77 -23.17
CA GLY A 4 1.28 -3.48 -22.16
C GLY A 4 2.69 -3.62 -22.74
N SER A 5 3.27 -2.48 -23.09
CA SER A 5 4.61 -2.46 -23.65
C SER A 5 5.64 -2.75 -22.56
N SER A 6 6.87 -2.98 -22.99
CA SER A 6 7.96 -3.27 -22.07
C SER A 6 7.84 -2.37 -20.83
N GLY A 7 7.59 -3.01 -19.70
CA GLY A 7 7.45 -2.29 -18.45
C GLY A 7 7.16 -3.24 -17.29
N ALA A 8 7.16 -2.69 -16.09
CA ALA A 8 6.90 -3.48 -14.90
C ALA A 8 6.00 -2.68 -13.95
N GLU A 9 4.79 -2.42 -14.41
CA GLU A 9 3.83 -1.67 -13.62
C GLU A 9 2.42 -2.21 -13.86
N LEU A 10 2.07 -3.21 -13.07
CA LEU A 10 0.75 -3.83 -13.17
C LEU A 10 -0.32 -2.73 -13.20
N THR A 11 -0.46 -2.06 -12.07
CA THR A 11 -1.43 -0.98 -11.95
C THR A 11 -0.99 0.02 -10.88
N ALA A 12 -1.97 0.56 -10.17
CA ALA A 12 -1.71 1.53 -9.14
C ALA A 12 -1.50 0.80 -7.81
N LEU A 13 -2.17 -0.34 -7.68
CA LEU A 13 -2.07 -1.14 -6.46
C LEU A 13 -0.85 -2.05 -6.58
N GLU A 14 -0.95 -3.01 -7.48
CA GLU A 14 0.13 -3.95 -7.69
C GLU A 14 1.48 -3.23 -7.68
N SER A 15 1.47 -2.03 -8.21
CA SER A 15 2.68 -1.22 -8.27
C SER A 15 3.28 -1.07 -6.86
N LEU A 16 2.49 -0.47 -5.98
CA LEU A 16 2.93 -0.27 -4.61
C LEU A 16 3.35 -1.62 -4.00
N ILE A 17 2.50 -2.62 -4.21
CA ILE A 17 2.77 -3.95 -3.70
C ILE A 17 4.18 -4.39 -4.15
N GLU A 18 4.59 -3.84 -5.29
CA GLU A 18 5.90 -4.17 -5.83
C GLU A 18 6.99 -3.35 -5.13
N MET A 19 6.62 -2.14 -4.74
CA MET A 19 7.55 -1.26 -4.05
C MET A 19 8.03 -1.87 -2.74
N GLY A 20 7.20 -2.77 -2.22
CA GLY A 20 7.53 -3.44 -0.96
C GLY A 20 6.53 -3.05 0.14
N PHE A 21 5.40 -2.51 -0.29
CA PHE A 21 4.37 -2.10 0.64
C PHE A 21 3.30 -3.19 0.80
N PRO A 22 2.64 -3.17 1.98
CA PRO A 22 1.61 -4.15 2.28
C PRO A 22 0.32 -3.83 1.51
N ARG A 23 -0.29 -4.89 0.99
CA ARG A 23 -1.53 -4.73 0.23
C ARG A 23 -2.51 -3.86 1.00
N GLY A 24 -2.84 -4.30 2.21
CA GLY A 24 -3.77 -3.56 3.04
C GLY A 24 -3.56 -2.05 2.90
N ARG A 25 -2.35 -1.62 3.20
CA ARG A 25 -2.01 -0.21 3.12
C ARG A 25 -2.30 0.31 1.71
N ALA A 26 -1.51 -0.17 0.76
CA ALA A 26 -1.67 0.24 -0.63
C ALA A 26 -3.16 0.35 -0.95
N GLU A 27 -3.84 -0.79 -0.84
CA GLU A 27 -5.27 -0.84 -1.12
C GLU A 27 -6.00 0.25 -0.33
N LYS A 28 -5.81 0.21 0.98
CA LYS A 28 -6.45 1.19 1.85
C LYS A 28 -6.15 2.60 1.33
N ALA A 29 -4.89 2.96 1.39
CA ALA A 29 -4.47 4.28 0.93
C ALA A 29 -5.14 4.58 -0.40
N LEU A 30 -4.74 3.84 -1.42
CA LEU A 30 -5.29 4.03 -2.75
C LEU A 30 -6.81 4.19 -2.65
N ALA A 31 -7.43 3.22 -1.99
CA ALA A 31 -8.88 3.25 -1.82
C ALA A 31 -9.29 4.60 -1.23
N LEU A 32 -8.64 4.96 -0.13
CA LEU A 32 -8.94 6.21 0.54
C LEU A 32 -8.86 7.35 -0.48
N THR A 33 -7.68 7.47 -1.10
CA THR A 33 -7.48 8.51 -2.09
C THR A 33 -8.48 8.38 -3.24
N GLY A 34 -8.85 7.13 -3.51
CA GLY A 34 -9.81 6.86 -4.57
C GLY A 34 -9.10 6.29 -5.80
N ASN A 35 -8.10 5.47 -5.55
CA ASN A 35 -7.34 4.85 -6.62
C ASN A 35 -7.07 5.88 -7.71
N GLN A 36 -6.27 6.88 -7.35
CA GLN A 36 -5.93 7.94 -8.29
C GLN A 36 -4.57 7.67 -8.92
N GLY A 37 -3.68 7.09 -8.12
CA GLY A 37 -2.35 6.77 -8.60
C GLY A 37 -1.43 6.40 -7.43
N ILE A 38 -0.15 6.25 -7.75
CA ILE A 38 0.84 5.90 -6.74
C ILE A 38 1.12 7.11 -5.86
N GLU A 39 1.71 8.13 -6.48
CA GLU A 39 2.02 9.36 -5.76
C GLU A 39 0.91 9.70 -4.77
N ALA A 40 -0.28 9.92 -5.33
CA ALA A 40 -1.43 10.26 -4.51
C ALA A 40 -1.49 9.32 -3.30
N ALA A 41 -1.32 8.04 -3.57
CA ALA A 41 -1.35 7.03 -2.52
C ALA A 41 -0.15 7.24 -1.60
N MET A 42 1.03 7.06 -2.16
CA MET A 42 2.26 7.22 -1.39
C MET A 42 2.14 8.39 -0.41
N ASP A 43 1.41 9.41 -0.84
CA ASP A 43 1.21 10.58 -0.01
C ASP A 43 0.46 10.19 1.26
N TRP A 44 -0.71 9.61 1.07
CA TRP A 44 -1.53 9.19 2.19
C TRP A 44 -0.72 8.20 3.01
N LEU A 45 -0.10 7.25 2.32
CA LEU A 45 0.71 6.24 2.98
C LEU A 45 1.78 6.93 3.84
N MET A 46 2.59 7.75 3.17
CA MET A 46 3.64 8.47 3.85
C MET A 46 3.09 9.31 5.01
N GLU A 47 1.84 9.72 4.85
CA GLU A 47 1.18 10.52 5.87
C GLU A 47 0.72 9.63 7.02
N HIS A 48 0.16 8.49 6.67
CA HIS A 48 -0.33 7.55 7.66
C HIS A 48 0.77 6.55 8.00
N GLU A 49 1.99 6.87 7.55
CA GLU A 49 3.13 6.02 7.80
C GLU A 49 3.43 5.95 9.29
N ASP A 50 2.83 6.88 10.03
CA ASP A 50 3.02 6.94 11.47
C ASP A 50 1.83 6.30 12.18
N ASP A 51 1.06 5.55 11.39
CA ASP A 51 -0.12 4.87 11.93
C ASP A 51 0.32 3.85 13.00
N PRO A 52 -0.67 3.40 13.79
CA PRO A 52 -0.40 2.43 14.84
C PRO A 52 -0.19 1.04 14.27
N ASP A 53 -1.09 0.65 13.38
CA ASP A 53 -1.01 -0.65 12.74
C ASP A 53 -1.07 -0.48 11.22
N VAL A 54 -2.19 0.09 10.77
CA VAL A 54 -2.39 0.31 9.35
C VAL A 54 -2.05 -0.97 8.57
N ASP A 55 -2.09 -2.08 9.29
CA ASP A 55 -1.78 -3.37 8.69
C ASP A 55 -2.74 -4.43 9.26
N GLU A 56 -2.85 -4.42 10.58
CA GLU A 56 -3.72 -5.37 11.26
C GLU A 56 -5.05 -5.50 10.52
N PRO A 57 -5.69 -6.68 10.69
CA PRO A 57 -6.97 -6.94 10.04
C PRO A 57 -8.10 -6.19 10.74
N LEU A 58 -9.32 -6.54 10.36
CA LEU A 58 -10.50 -5.90 10.94
C LEU A 58 -10.61 -6.29 12.42
N SER A 59 -11.77 -6.83 12.76
CA SER A 59 -12.01 -7.25 14.13
C SER A 59 -11.55 -8.70 14.32
N GLY A 60 -10.24 -8.85 14.40
CA GLY A 60 -9.65 -10.18 14.57
C GLY A 60 -8.73 -10.20 15.80
N PRO A 61 -8.23 -11.43 16.12
CA PRO A 61 -7.34 -11.61 17.25
C PRO A 61 -5.94 -11.07 16.94
N SER A 62 -5.06 -11.22 17.92
CA SER A 62 -3.68 -10.76 17.76
C SER A 62 -3.65 -9.24 17.67
N SER A 63 -2.46 -8.70 17.91
CA SER A 63 -2.28 -7.26 17.86
C SER A 63 -0.91 -6.93 17.26
N GLY A 64 -0.91 -5.92 16.39
CA GLY A 64 0.31 -5.50 15.73
C GLY A 64 0.61 -4.03 16.03
N GLY A 1 20.69 6.01 -16.18
CA GLY A 1 20.33 6.48 -14.85
C GLY A 1 20.62 5.41 -13.80
N SER A 2 20.07 5.64 -12.61
CA SER A 2 20.25 4.70 -11.51
C SER A 2 19.00 4.65 -10.64
N SER A 3 18.05 3.82 -11.08
CA SER A 3 16.80 3.68 -10.36
C SER A 3 16.86 2.43 -9.47
N GLY A 4 15.93 2.38 -8.52
CA GLY A 4 15.86 1.25 -7.60
C GLY A 4 15.54 -0.04 -8.35
N SER A 5 14.26 -0.38 -8.38
CA SER A 5 13.82 -1.59 -9.05
C SER A 5 12.49 -1.34 -9.76
N SER A 6 12.58 -1.22 -11.08
CA SER A 6 11.40 -0.97 -11.89
C SER A 6 11.37 -1.93 -13.08
N GLY A 7 10.21 -2.03 -13.70
CA GLY A 7 10.04 -2.90 -14.85
C GLY A 7 8.56 -3.15 -15.14
N ALA A 8 8.05 -4.24 -14.57
CA ALA A 8 6.65 -4.60 -14.76
C ALA A 8 5.77 -3.46 -14.27
N GLU A 9 4.53 -3.47 -14.74
CA GLU A 9 3.57 -2.43 -14.36
C GLU A 9 2.15 -2.95 -14.52
N LEU A 10 1.64 -3.56 -13.45
CA LEU A 10 0.30 -4.10 -13.46
C LEU A 10 -0.71 -2.96 -13.27
N THR A 11 -0.65 -2.35 -12.11
CA THR A 11 -1.55 -1.24 -11.80
C THR A 11 -0.94 -0.35 -10.71
N ALA A 12 -1.79 0.47 -10.12
CA ALA A 12 -1.36 1.37 -9.07
C ALA A 12 -1.11 0.57 -7.78
N LEU A 13 -2.00 -0.38 -7.54
CA LEU A 13 -1.88 -1.22 -6.36
C LEU A 13 -0.64 -2.09 -6.48
N GLU A 14 -0.70 -3.03 -7.41
CA GLU A 14 0.42 -3.94 -7.64
C GLU A 14 1.74 -3.19 -7.48
N SER A 15 1.87 -2.12 -8.24
CA SER A 15 3.09 -1.32 -8.20
C SER A 15 3.49 -1.05 -6.75
N LEU A 16 2.57 -0.42 -6.02
CA LEU A 16 2.82 -0.11 -4.63
C LEU A 16 3.22 -1.38 -3.88
N ILE A 17 2.56 -2.47 -4.24
CA ILE A 17 2.83 -3.75 -3.62
C ILE A 17 4.23 -4.22 -4.02
N GLU A 18 4.67 -3.76 -5.18
CA GLU A 18 5.99 -4.13 -5.68
C GLU A 18 7.04 -3.16 -5.12
N MET A 19 6.59 -2.25 -4.28
CA MET A 19 7.48 -1.27 -3.68
C MET A 19 7.83 -1.67 -2.25
N GLY A 20 7.14 -2.68 -1.75
CA GLY A 20 7.37 -3.16 -0.40
C GLY A 20 6.14 -2.95 0.48
N PHE A 21 5.27 -2.07 0.02
CA PHE A 21 4.04 -1.76 0.76
C PHE A 21 3.07 -2.93 0.70
N PRO A 22 2.44 -3.22 1.88
CA PRO A 22 1.49 -4.31 1.97
C PRO A 22 0.16 -3.92 1.32
N ARG A 23 -0.43 -4.90 0.64
CA ARG A 23 -1.70 -4.68 -0.03
C ARG A 23 -2.69 -4.00 0.92
N GLY A 24 -3.05 -4.73 1.97
CA GLY A 24 -3.99 -4.21 2.95
C GLY A 24 -3.69 -2.74 3.27
N ARG A 25 -2.43 -2.37 3.10
CA ARG A 25 -2.00 -1.01 3.38
C ARG A 25 -2.13 -0.16 2.11
N ALA A 26 -1.47 -0.62 1.06
CA ALA A 26 -1.50 0.08 -0.22
C ALA A 26 -2.95 0.25 -0.67
N GLU A 27 -3.64 -0.88 -0.72
CA GLU A 27 -5.03 -0.87 -1.13
C GLU A 27 -5.83 0.14 -0.32
N LYS A 28 -5.91 -0.11 0.97
CA LYS A 28 -6.64 0.77 1.88
C LYS A 28 -6.36 2.22 1.48
N ALA A 29 -5.09 2.56 1.43
CA ALA A 29 -4.68 3.91 1.08
C ALA A 29 -5.22 4.25 -0.32
N LEU A 30 -4.82 3.44 -1.28
CA LEU A 30 -5.25 3.64 -2.65
C LEU A 30 -6.73 4.03 -2.67
N ALA A 31 -7.50 3.36 -1.82
CA ALA A 31 -8.92 3.62 -1.73
C ALA A 31 -9.13 5.02 -1.14
N LEU A 32 -8.56 5.22 0.04
CA LEU A 32 -8.68 6.50 0.71
C LEU A 32 -8.53 7.63 -0.31
N THR A 33 -7.40 7.62 -0.98
CA THR A 33 -7.13 8.64 -1.99
C THR A 33 -8.22 8.63 -3.07
N GLY A 34 -8.65 7.43 -3.40
CA GLY A 34 -9.69 7.26 -4.42
C GLY A 34 -9.11 6.68 -5.70
N ASN A 35 -8.22 5.72 -5.53
CA ASN A 35 -7.57 5.08 -6.66
C ASN A 35 -7.24 6.12 -7.72
N GLN A 36 -6.55 7.17 -7.28
CA GLN A 36 -6.17 8.25 -8.18
C GLN A 36 -4.85 7.91 -8.86
N GLY A 37 -3.95 7.32 -8.10
CA GLY A 37 -2.65 6.93 -8.63
C GLY A 37 -1.68 6.59 -7.50
N ILE A 38 -0.43 6.35 -7.89
CA ILE A 38 0.59 6.01 -6.92
C ILE A 38 0.97 7.26 -6.12
N GLU A 39 1.58 8.21 -6.81
CA GLU A 39 1.98 9.46 -6.19
C GLU A 39 0.94 9.90 -5.17
N ALA A 40 -0.30 9.95 -5.63
CA ALA A 40 -1.40 10.36 -4.77
C ALA A 40 -1.46 9.45 -3.54
N ALA A 41 -1.45 8.15 -3.81
CA ALA A 41 -1.50 7.16 -2.74
C ALA A 41 -0.31 7.37 -1.81
N MET A 42 0.88 7.33 -2.39
CA MET A 42 2.10 7.52 -1.62
C MET A 42 1.95 8.66 -0.62
N ASP A 43 1.34 9.74 -1.09
CA ASP A 43 1.12 10.91 -0.25
C ASP A 43 0.42 10.48 1.04
N TRP A 44 -0.52 9.56 0.89
CA TRP A 44 -1.28 9.06 2.03
C TRP A 44 -0.40 8.02 2.75
N LEU A 45 0.00 7.01 2.00
CA LEU A 45 0.83 5.95 2.54
C LEU A 45 1.93 6.57 3.41
N MET A 46 2.73 7.42 2.79
CA MET A 46 3.81 8.09 3.49
C MET A 46 3.31 8.76 4.76
N GLU A 47 2.05 9.15 4.73
CA GLU A 47 1.43 9.80 5.88
C GLU A 47 1.02 8.77 6.92
N HIS A 48 0.47 7.66 6.42
CA HIS A 48 0.01 6.60 7.30
C HIS A 48 1.12 5.54 7.43
N GLU A 49 2.33 5.95 7.06
CA GLU A 49 3.48 5.06 7.13
C GLU A 49 3.92 4.89 8.59
N ASP A 50 3.33 5.69 9.45
CA ASP A 50 3.64 5.63 10.87
C ASP A 50 2.43 5.11 11.65
N ASP A 51 1.41 4.74 10.89
CA ASP A 51 0.19 4.23 11.49
C ASP A 51 0.26 2.70 11.55
N PRO A 52 0.13 2.15 12.79
CA PRO A 52 0.18 0.72 12.99
C PRO A 52 -1.13 0.06 12.52
N ASP A 53 -2.24 0.63 12.99
CA ASP A 53 -3.55 0.10 12.63
C ASP A 53 -3.56 -0.26 11.15
N VAL A 54 -2.96 0.61 10.35
CA VAL A 54 -2.90 0.40 8.92
C VAL A 54 -2.59 -1.08 8.64
N ASP A 55 -1.70 -1.63 9.44
CA ASP A 55 -1.30 -3.02 9.30
C ASP A 55 -2.39 -3.91 9.90
N GLU A 56 -2.72 -3.62 11.16
CA GLU A 56 -3.74 -4.38 11.85
C GLU A 56 -4.91 -4.68 10.92
N PRO A 57 -5.62 -5.81 11.24
CA PRO A 57 -6.76 -6.21 10.44
C PRO A 57 -7.98 -5.33 10.72
N LEU A 58 -9.14 -5.83 10.35
CA LEU A 58 -10.37 -5.11 10.56
C LEU A 58 -10.51 -4.01 9.50
N SER A 59 -11.06 -4.39 8.36
CA SER A 59 -11.24 -3.45 7.26
C SER A 59 -9.89 -3.11 6.64
N GLY A 60 -9.37 -4.08 5.89
CA GLY A 60 -8.09 -3.90 5.22
C GLY A 60 -7.31 -5.22 5.17
N PRO A 61 -7.76 -6.11 4.25
CA PRO A 61 -7.11 -7.41 4.10
C PRO A 61 -5.78 -7.27 3.36
N SER A 62 -4.84 -8.13 3.74
CA SER A 62 -3.52 -8.11 3.12
C SER A 62 -3.18 -9.50 2.59
N SER A 63 -3.68 -9.78 1.39
CA SER A 63 -3.43 -11.07 0.77
C SER A 63 -1.99 -11.13 0.25
N GLY A 64 -1.65 -10.18 -0.61
CA GLY A 64 -0.31 -10.12 -1.17
C GLY A 64 0.63 -9.34 -0.26
N GLY A 1 13.78 -4.06 -1.54
CA GLY A 1 15.09 -4.46 -2.06
C GLY A 1 14.96 -5.02 -3.48
N SER A 2 16.01 -5.71 -3.90
CA SER A 2 16.03 -6.31 -5.22
C SER A 2 16.26 -7.82 -5.12
N SER A 3 15.32 -8.55 -5.69
CA SER A 3 15.40 -10.01 -5.66
C SER A 3 14.71 -10.58 -6.91
N GLY A 4 15.54 -11.03 -7.84
CA GLY A 4 15.04 -11.60 -9.08
C GLY A 4 14.59 -10.51 -10.06
N SER A 5 13.29 -10.46 -10.30
CA SER A 5 12.73 -9.47 -11.20
C SER A 5 12.91 -8.07 -10.62
N SER A 6 12.68 -7.07 -11.47
CA SER A 6 12.82 -5.69 -11.06
C SER A 6 12.11 -4.77 -12.05
N GLY A 7 10.91 -4.37 -11.69
CA GLY A 7 10.12 -3.50 -12.55
C GLY A 7 8.68 -4.00 -12.66
N ALA A 8 8.21 -4.08 -13.89
CA ALA A 8 6.85 -4.54 -14.15
C ALA A 8 5.86 -3.57 -13.50
N GLU A 9 4.70 -3.45 -14.14
CA GLU A 9 3.67 -2.56 -13.64
C GLU A 9 2.28 -3.16 -13.92
N LEU A 10 1.73 -3.78 -12.89
CA LEU A 10 0.42 -4.40 -13.01
C LEU A 10 -0.65 -3.30 -12.96
N THR A 11 -0.74 -2.66 -11.81
CA THR A 11 -1.71 -1.60 -11.61
C THR A 11 -1.21 -0.60 -10.57
N ALA A 12 -2.16 0.12 -9.99
CA ALA A 12 -1.83 1.12 -8.98
C ALA A 12 -1.53 0.41 -7.66
N LEU A 13 -2.28 -0.66 -7.41
CA LEU A 13 -2.10 -1.43 -6.19
C LEU A 13 -0.77 -2.19 -6.26
N GLU A 14 -0.70 -3.10 -7.22
CA GLU A 14 0.50 -3.89 -7.41
C GLU A 14 1.73 -2.98 -7.45
N SER A 15 1.69 -2.03 -8.37
CA SER A 15 2.79 -1.09 -8.53
C SER A 15 3.38 -0.74 -7.16
N LEU A 16 2.49 -0.45 -6.22
CA LEU A 16 2.90 -0.10 -4.88
C LEU A 16 3.51 -1.33 -4.19
N ILE A 17 2.71 -2.38 -4.14
CA ILE A 17 3.14 -3.62 -3.51
C ILE A 17 4.54 -3.98 -4.04
N GLU A 18 4.81 -3.55 -5.25
CA GLU A 18 6.10 -3.82 -5.88
C GLU A 18 7.21 -3.13 -5.09
N MET A 19 6.91 -1.93 -4.62
CA MET A 19 7.88 -1.16 -3.86
C MET A 19 8.24 -1.87 -2.55
N GLY A 20 7.32 -2.71 -2.10
CA GLY A 20 7.52 -3.45 -0.87
C GLY A 20 6.52 -3.03 0.20
N PHE A 21 5.37 -2.57 -0.26
CA PHE A 21 4.32 -2.13 0.65
C PHE A 21 3.28 -3.23 0.85
N PRO A 22 2.63 -3.19 2.05
CA PRO A 22 1.61 -4.17 2.37
C PRO A 22 0.31 -3.89 1.61
N ARG A 23 -0.28 -4.94 1.10
CA ARG A 23 -1.52 -4.83 0.35
C ARG A 23 -2.55 -4.02 1.15
N GLY A 24 -2.85 -4.54 2.34
CA GLY A 24 -3.80 -3.88 3.22
C GLY A 24 -3.67 -2.36 3.15
N ARG A 25 -2.45 -1.90 3.34
CA ARG A 25 -2.15 -0.48 3.29
C ARG A 25 -2.47 0.08 1.90
N ALA A 26 -1.67 -0.33 0.94
CA ALA A 26 -1.84 0.12 -0.43
C ALA A 26 -3.34 0.15 -0.76
N GLU A 27 -3.96 -1.01 -0.68
CA GLU A 27 -5.38 -1.12 -0.97
C GLU A 27 -6.16 -0.02 -0.26
N LYS A 28 -5.91 0.09 1.04
CA LYS A 28 -6.57 1.10 1.85
C LYS A 28 -6.41 2.47 1.18
N ALA A 29 -5.20 3.00 1.28
CA ALA A 29 -4.91 4.30 0.70
C ALA A 29 -5.55 4.39 -0.69
N LEU A 30 -5.03 3.59 -1.61
CA LEU A 30 -5.54 3.56 -2.96
C LEU A 30 -7.06 3.78 -2.93
N ALA A 31 -7.68 3.23 -1.89
CA ALA A 31 -9.12 3.35 -1.74
C ALA A 31 -9.46 4.76 -1.26
N LEU A 32 -9.08 5.05 -0.03
CA LEU A 32 -9.33 6.35 0.56
C LEU A 32 -9.03 7.43 -0.48
N THR A 33 -7.80 7.44 -0.96
CA THR A 33 -7.38 8.42 -1.95
C THR A 33 -8.42 8.51 -3.08
N GLY A 34 -8.91 7.34 -3.48
CA GLY A 34 -9.89 7.28 -4.54
C GLY A 34 -9.28 6.75 -5.84
N ASN A 35 -8.21 5.97 -5.68
CA ASN A 35 -7.52 5.40 -6.82
C ASN A 35 -7.14 6.52 -7.79
N GLN A 36 -6.37 7.47 -7.28
CA GLN A 36 -5.94 8.60 -8.09
C GLN A 36 -4.65 8.25 -8.83
N GLY A 37 -3.76 7.58 -8.11
CA GLY A 37 -2.48 7.18 -8.69
C GLY A 37 -1.53 6.65 -7.61
N ILE A 38 -0.28 6.47 -8.00
CA ILE A 38 0.73 5.96 -7.08
C ILE A 38 1.08 7.06 -6.08
N GLU A 39 1.63 8.15 -6.59
CA GLU A 39 2.02 9.27 -5.75
C GLU A 39 0.89 9.61 -4.78
N ALA A 40 -0.31 9.75 -5.34
CA ALA A 40 -1.48 10.07 -4.53
C ALA A 40 -1.53 9.13 -3.32
N ALA A 41 -1.30 7.86 -3.58
CA ALA A 41 -1.32 6.86 -2.52
C ALA A 41 -0.06 7.01 -1.67
N MET A 42 1.08 6.81 -2.32
CA MET A 42 2.36 6.90 -1.63
C MET A 42 2.34 8.06 -0.61
N ASP A 43 1.86 9.20 -1.07
CA ASP A 43 1.79 10.38 -0.22
C ASP A 43 0.90 10.07 0.98
N TRP A 44 -0.26 9.51 0.71
CA TRP A 44 -1.19 9.15 1.76
C TRP A 44 -0.53 8.11 2.67
N LEU A 45 0.27 7.25 2.04
CA LEU A 45 0.96 6.21 2.78
C LEU A 45 1.95 6.86 3.74
N MET A 46 2.68 7.84 3.22
CA MET A 46 3.67 8.54 4.02
C MET A 46 3.03 9.20 5.23
N GLU A 47 1.73 9.44 5.12
CA GLU A 47 0.99 10.05 6.20
C GLU A 47 0.38 8.99 7.12
N HIS A 48 0.01 7.87 6.50
CA HIS A 48 -0.58 6.77 7.25
C HIS A 48 0.51 5.75 7.61
N GLU A 49 1.75 6.20 7.49
CA GLU A 49 2.89 5.35 7.80
C GLU A 49 3.16 5.36 9.31
N ASP A 50 2.67 6.41 9.96
CA ASP A 50 2.86 6.55 11.39
C ASP A 50 1.75 5.79 12.13
N ASP A 51 0.74 5.42 11.37
CA ASP A 51 -0.39 4.69 11.93
C ASP A 51 0.13 3.43 12.64
N PRO A 52 -0.52 3.12 13.79
CA PRO A 52 -0.13 1.96 14.57
C PRO A 52 -0.62 0.67 13.91
N ASP A 53 -1.93 0.51 13.88
CA ASP A 53 -2.54 -0.67 13.27
C ASP A 53 -2.55 -0.51 11.75
N VAL A 54 -2.79 0.72 11.32
CA VAL A 54 -2.82 1.01 9.90
C VAL A 54 -3.70 -0.02 9.19
N ASP A 55 -4.57 -0.64 9.97
CA ASP A 55 -5.47 -1.65 9.42
C ASP A 55 -4.74 -2.99 9.35
N GLU A 56 -4.01 -3.29 10.42
CA GLU A 56 -3.26 -4.53 10.48
C GLU A 56 -4.20 -5.73 10.38
N PRO A 57 -3.62 -6.89 9.97
CA PRO A 57 -4.40 -8.11 9.82
C PRO A 57 -4.73 -8.72 11.19
N LEU A 58 -5.13 -9.98 11.15
CA LEU A 58 -5.48 -10.69 12.37
C LEU A 58 -4.75 -12.03 12.40
N SER A 59 -3.45 -11.96 12.66
CA SER A 59 -2.63 -13.16 12.71
C SER A 59 -1.21 -12.80 13.12
N GLY A 60 -0.34 -13.81 13.11
CA GLY A 60 1.05 -13.61 13.48
C GLY A 60 1.98 -14.09 12.36
N PRO A 61 2.42 -13.11 11.53
CA PRO A 61 3.32 -13.42 10.43
C PRO A 61 4.74 -13.69 10.93
N SER A 62 5.61 -14.04 10.00
CA SER A 62 7.00 -14.32 10.33
C SER A 62 7.77 -14.68 9.07
N SER A 63 8.77 -13.86 8.78
CA SER A 63 9.60 -14.08 7.59
C SER A 63 11.05 -13.74 7.91
N GLY A 64 11.93 -14.68 7.61
CA GLY A 64 13.35 -14.49 7.85
C GLY A 64 14.17 -15.62 7.24
N GLY A 1 -5.28 -13.16 -13.45
CA GLY A 1 -5.05 -14.56 -13.77
C GLY A 1 -3.61 -14.97 -13.44
N SER A 2 -2.68 -14.46 -14.23
CA SER A 2 -1.28 -14.76 -14.03
C SER A 2 -0.84 -14.33 -12.63
N SER A 3 -1.01 -13.05 -12.35
CA SER A 3 -0.65 -12.50 -11.06
C SER A 3 0.82 -12.82 -10.76
N GLY A 4 1.70 -11.99 -11.31
CA GLY A 4 3.13 -12.18 -11.11
C GLY A 4 3.91 -10.94 -11.54
N SER A 5 5.19 -10.95 -11.22
CA SER A 5 6.05 -9.82 -11.57
C SER A 5 6.53 -9.95 -13.01
N SER A 6 5.77 -9.35 -13.92
CA SER A 6 6.10 -9.39 -15.33
C SER A 6 5.50 -8.18 -16.04
N GLY A 7 6.20 -7.75 -17.09
CA GLY A 7 5.75 -6.60 -17.86
C GLY A 7 6.28 -5.29 -17.27
N ALA A 8 5.38 -4.34 -17.11
CA ALA A 8 5.74 -3.05 -16.56
C ALA A 8 4.51 -2.40 -15.93
N GLU A 9 4.70 -1.88 -14.72
CA GLU A 9 3.62 -1.23 -14.00
C GLU A 9 2.30 -1.96 -14.25
N LEU A 10 2.06 -2.98 -13.42
CA LEU A 10 0.85 -3.76 -13.54
C LEU A 10 -0.36 -2.87 -13.24
N THR A 11 -0.43 -2.42 -12.00
CA THR A 11 -1.53 -1.56 -11.57
C THR A 11 -1.08 -0.67 -10.41
N ALA A 12 -2.01 0.17 -9.96
CA ALA A 12 -1.73 1.07 -8.86
C ALA A 12 -1.40 0.26 -7.61
N LEU A 13 -2.17 -0.81 -7.41
CA LEU A 13 -1.97 -1.67 -6.26
C LEU A 13 -0.66 -2.44 -6.43
N GLU A 14 -0.65 -3.31 -7.42
CA GLU A 14 0.52 -4.12 -7.71
C GLU A 14 1.78 -3.25 -7.63
N SER A 15 1.73 -2.12 -8.31
CA SER A 15 2.86 -1.20 -8.32
C SER A 15 3.36 -0.96 -6.90
N LEU A 16 2.54 -0.26 -6.13
CA LEU A 16 2.89 0.05 -4.76
C LEU A 16 3.47 -1.19 -4.10
N ILE A 17 2.74 -2.29 -4.18
CA ILE A 17 3.17 -3.55 -3.60
C ILE A 17 4.65 -3.77 -3.94
N GLU A 18 4.98 -3.46 -5.19
CA GLU A 18 6.35 -3.64 -5.66
C GLU A 18 7.31 -2.83 -4.77
N MET A 19 6.85 -1.66 -4.38
CA MET A 19 7.66 -0.78 -3.54
C MET A 19 7.99 -1.46 -2.20
N GLY A 20 7.15 -2.42 -1.84
CA GLY A 20 7.34 -3.14 -0.59
C GLY A 20 6.19 -2.87 0.38
N PHE A 21 5.08 -2.41 -0.18
CA PHE A 21 3.90 -2.11 0.62
C PHE A 21 2.92 -3.28 0.61
N PRO A 22 2.25 -3.48 1.78
CA PRO A 22 1.29 -4.56 1.91
C PRO A 22 -0.02 -4.22 1.19
N ARG A 23 -0.75 -5.26 0.83
CA ARG A 23 -2.01 -5.09 0.13
C ARG A 23 -2.94 -4.18 0.95
N GLY A 24 -3.19 -4.59 2.18
CA GLY A 24 -4.06 -3.83 3.06
C GLY A 24 -3.79 -2.33 2.94
N ARG A 25 -2.60 -1.93 3.40
CA ARG A 25 -2.19 -0.55 3.34
C ARG A 25 -2.40 0.01 1.93
N ALA A 26 -1.62 -0.50 1.01
CA ALA A 26 -1.70 -0.05 -0.37
C ALA A 26 -3.17 0.12 -0.75
N GLU A 27 -3.90 -0.98 -0.69
CA GLU A 27 -5.31 -0.96 -1.03
C GLU A 27 -6.03 0.14 -0.25
N LYS A 28 -5.86 0.10 1.06
CA LYS A 28 -6.49 1.09 1.92
C LYS A 28 -6.18 2.48 1.39
N ALA A 29 -4.90 2.76 1.26
CA ALA A 29 -4.46 4.05 0.78
C ALA A 29 -5.13 4.34 -0.57
N LEU A 30 -4.82 3.49 -1.54
CA LEU A 30 -5.40 3.64 -2.87
C LEU A 30 -6.86 4.04 -2.76
N ALA A 31 -7.55 3.36 -1.85
CA ALA A 31 -8.97 3.62 -1.64
C ALA A 31 -9.13 5.04 -1.07
N LEU A 32 -8.55 5.23 0.12
CA LEU A 32 -8.63 6.53 0.78
C LEU A 32 -8.43 7.63 -0.25
N THR A 33 -7.30 7.58 -0.93
CA THR A 33 -6.98 8.57 -1.94
C THR A 33 -8.11 8.64 -2.99
N GLY A 34 -8.48 7.47 -3.49
CA GLY A 34 -9.53 7.39 -4.49
C GLY A 34 -9.00 6.80 -5.79
N ASN A 35 -8.14 5.81 -5.65
CA ASN A 35 -7.56 5.15 -6.81
C ASN A 35 -7.22 6.20 -7.87
N GLN A 36 -6.46 7.20 -7.45
CA GLN A 36 -6.08 8.27 -8.36
C GLN A 36 -4.74 7.95 -9.03
N GLY A 37 -3.86 7.34 -8.24
CA GLY A 37 -2.55 6.97 -8.74
C GLY A 37 -1.59 6.64 -7.60
N ILE A 38 -0.34 6.41 -7.95
CA ILE A 38 0.68 6.09 -6.96
C ILE A 38 0.94 7.30 -6.08
N GLU A 39 1.51 8.33 -6.70
CA GLU A 39 1.81 9.56 -5.99
C GLU A 39 0.69 9.90 -5.01
N ALA A 40 -0.52 9.84 -5.51
CA ALA A 40 -1.69 10.13 -4.68
C ALA A 40 -1.73 9.18 -3.49
N ALA A 41 -1.54 7.90 -3.79
CA ALA A 41 -1.54 6.89 -2.75
C ALA A 41 -0.35 7.10 -1.83
N MET A 42 0.84 7.05 -2.42
CA MET A 42 2.06 7.24 -1.66
C MET A 42 1.91 8.37 -0.65
N ASP A 43 1.12 9.36 -1.04
CA ASP A 43 0.88 10.51 -0.17
C ASP A 43 0.36 10.03 1.18
N TRP A 44 -0.56 9.07 1.13
CA TRP A 44 -1.15 8.53 2.32
C TRP A 44 -0.05 7.78 3.09
N LEU A 45 0.42 6.71 2.50
CA LEU A 45 1.47 5.90 3.11
C LEU A 45 2.55 6.83 3.67
N MET A 46 2.91 7.82 2.86
CA MET A 46 3.92 8.78 3.27
C MET A 46 3.52 9.52 4.54
N GLU A 47 2.45 10.31 4.41
CA GLU A 47 1.94 11.08 5.54
C GLU A 47 1.54 10.13 6.68
N HIS A 48 1.42 8.87 6.33
CA HIS A 48 1.04 7.85 7.31
C HIS A 48 2.28 7.05 7.72
N GLU A 49 3.43 7.55 7.31
CA GLU A 49 4.68 6.89 7.62
C GLU A 49 4.86 6.79 9.14
N ASP A 50 4.14 7.66 9.85
CA ASP A 50 4.21 7.68 11.30
C ASP A 50 2.96 7.00 11.87
N ASP A 51 2.32 6.20 11.04
CA ASP A 51 1.12 5.50 11.45
C ASP A 51 1.43 4.67 12.70
N PRO A 52 0.33 4.22 13.37
CA PRO A 52 0.47 3.42 14.58
C PRO A 52 0.89 1.99 14.25
N ASP A 53 0.56 1.58 13.03
CA ASP A 53 0.91 0.24 12.57
C ASP A 53 0.74 0.16 11.05
N VAL A 54 1.87 0.10 10.37
CA VAL A 54 1.86 0.03 8.92
C VAL A 54 2.85 -1.05 8.47
N ASP A 55 2.30 -2.17 8.01
CA ASP A 55 3.13 -3.27 7.55
C ASP A 55 3.61 -4.07 8.74
N GLU A 56 4.10 -3.36 9.75
CA GLU A 56 4.59 -4.01 10.96
C GLU A 56 3.74 -5.23 11.30
N PRO A 57 4.41 -6.23 11.94
CA PRO A 57 3.71 -7.45 12.32
C PRO A 57 2.82 -7.22 13.54
N LEU A 58 2.44 -8.31 14.18
CA LEU A 58 1.58 -8.24 15.35
C LEU A 58 2.39 -7.70 16.53
N SER A 59 2.36 -8.45 17.62
CA SER A 59 3.09 -8.05 18.82
C SER A 59 3.47 -9.29 19.63
N GLY A 60 4.59 -9.18 20.33
CA GLY A 60 5.08 -10.28 21.14
C GLY A 60 6.56 -10.56 20.86
N PRO A 61 6.97 -11.81 21.18
CA PRO A 61 8.35 -12.22 20.97
C PRO A 61 8.62 -12.46 19.49
N SER A 62 9.32 -11.50 18.87
CA SER A 62 9.65 -11.62 17.46
C SER A 62 11.16 -11.43 17.26
N SER A 63 11.65 -10.31 17.77
CA SER A 63 13.07 -10.00 17.66
C SER A 63 13.46 -9.86 16.19
N GLY A 64 14.44 -9.00 15.95
CA GLY A 64 14.91 -8.77 14.60
C GLY A 64 16.00 -9.78 14.21
N GLY A 1 -3.15 -11.06 -1.77
CA GLY A 1 -3.67 -12.11 -2.65
C GLY A 1 -2.72 -12.34 -3.83
N SER A 2 -2.53 -13.61 -4.15
CA SER A 2 -1.65 -13.98 -5.25
C SER A 2 -2.41 -13.87 -6.58
N SER A 3 -1.87 -13.05 -7.46
CA SER A 3 -2.49 -12.85 -8.76
C SER A 3 -1.41 -12.77 -9.85
N GLY A 4 -1.39 -13.79 -10.69
CA GLY A 4 -0.42 -13.84 -11.77
C GLY A 4 0.99 -13.55 -11.26
N SER A 5 1.92 -13.49 -12.20
CA SER A 5 3.31 -13.21 -11.86
C SER A 5 4.01 -12.51 -13.02
N SER A 6 4.97 -11.67 -12.66
CA SER A 6 5.73 -10.94 -13.66
C SER A 6 4.79 -10.01 -14.44
N GLY A 7 5.40 -9.05 -15.12
CA GLY A 7 4.63 -8.09 -15.90
C GLY A 7 5.27 -6.70 -15.85
N ALA A 8 4.46 -5.71 -16.19
CA ALA A 8 4.92 -4.33 -16.19
C ALA A 8 3.80 -3.41 -15.69
N GLU A 9 4.07 -2.76 -14.57
CA GLU A 9 3.10 -1.86 -13.97
C GLU A 9 1.68 -2.40 -14.17
N LEU A 10 1.31 -3.32 -13.29
CA LEU A 10 0.00 -3.93 -13.35
C LEU A 10 -1.06 -2.87 -13.06
N THR A 11 -1.03 -2.36 -11.83
CA THR A 11 -1.99 -1.35 -11.41
C THR A 11 -1.41 -0.54 -10.24
N ALA A 12 -2.05 0.58 -9.98
CA ALA A 12 -1.63 1.46 -8.89
C ALA A 12 -1.47 0.63 -7.62
N LEU A 13 -2.26 -0.42 -7.53
CA LEU A 13 -2.22 -1.31 -6.37
C LEU A 13 -0.95 -2.16 -6.43
N GLU A 14 -0.94 -3.06 -7.40
CA GLU A 14 0.20 -3.94 -7.57
C GLU A 14 1.51 -3.15 -7.49
N SER A 15 1.57 -2.09 -8.27
CA SER A 15 2.75 -1.24 -8.29
C SER A 15 3.30 -1.07 -6.87
N LEU A 16 2.45 -0.59 -6.00
CA LEU A 16 2.83 -0.38 -4.61
C LEU A 16 3.27 -1.72 -4.00
N ILE A 17 2.47 -2.74 -4.26
CA ILE A 17 2.77 -4.07 -3.75
C ILE A 17 4.18 -4.48 -4.18
N GLU A 18 4.59 -3.94 -5.32
CA GLU A 18 5.91 -4.24 -5.85
C GLU A 18 6.97 -3.39 -5.14
N MET A 19 6.54 -2.24 -4.66
CA MET A 19 7.44 -1.34 -3.97
C MET A 19 7.87 -1.92 -2.62
N GLY A 20 7.10 -2.91 -2.17
CA GLY A 20 7.39 -3.55 -0.90
C GLY A 20 6.25 -3.32 0.10
N PHE A 21 5.36 -2.43 -0.28
CA PHE A 21 4.22 -2.11 0.58
C PHE A 21 3.22 -3.26 0.62
N PRO A 22 2.57 -3.42 1.80
CA PRO A 22 1.59 -4.47 1.98
C PRO A 22 0.27 -4.13 1.26
N ARG A 23 -0.32 -5.15 0.66
CA ARG A 23 -1.57 -4.98 -0.06
C ARG A 23 -2.53 -4.10 0.76
N GLY A 24 -2.86 -4.59 1.94
CA GLY A 24 -3.76 -3.87 2.82
C GLY A 24 -3.52 -2.36 2.74
N ARG A 25 -2.32 -1.97 3.16
CA ARG A 25 -1.94 -0.57 3.15
C ARG A 25 -2.22 0.04 1.77
N ALA A 26 -1.44 -0.41 0.79
CA ALA A 26 -1.60 0.08 -0.57
C ALA A 26 -3.09 0.23 -0.89
N GLU A 27 -3.78 -0.89 -0.85
CA GLU A 27 -5.20 -0.90 -1.13
C GLU A 27 -5.91 0.19 -0.33
N LYS A 28 -5.77 0.10 0.99
CA LYS A 28 -6.38 1.07 1.88
C LYS A 28 -6.10 2.48 1.38
N ALA A 29 -4.81 2.81 1.33
CA ALA A 29 -4.39 4.12 0.86
C ALA A 29 -5.05 4.42 -0.48
N LEU A 30 -4.67 3.62 -1.48
CA LEU A 30 -5.21 3.79 -2.81
C LEU A 30 -6.71 4.11 -2.72
N ALA A 31 -7.40 3.30 -1.94
CA ALA A 31 -8.84 3.49 -1.75
C ALA A 31 -9.09 4.87 -1.13
N LEU A 32 -8.45 5.08 0.02
CA LEU A 32 -8.60 6.34 0.73
C LEU A 32 -8.58 7.50 -0.28
N THR A 33 -7.49 7.57 -1.02
CA THR A 33 -7.33 8.61 -2.02
C THR A 33 -8.42 8.48 -3.10
N GLY A 34 -8.63 7.26 -3.55
CA GLY A 34 -9.63 7.00 -4.57
C GLY A 34 -8.99 6.42 -5.83
N ASN A 35 -8.08 5.47 -5.62
CA ASN A 35 -7.40 4.84 -6.73
C ASN A 35 -7.05 5.89 -7.78
N GLN A 36 -6.22 6.83 -7.38
CA GLN A 36 -5.80 7.90 -8.28
C GLN A 36 -4.42 7.60 -8.86
N GLY A 37 -3.60 6.94 -8.05
CA GLY A 37 -2.26 6.59 -8.48
C GLY A 37 -1.35 6.35 -7.27
N ILE A 38 -0.07 6.17 -7.56
CA ILE A 38 0.91 5.94 -6.51
C ILE A 38 1.13 7.24 -5.73
N GLU A 39 1.70 8.22 -6.42
CA GLU A 39 1.97 9.50 -5.82
C GLU A 39 0.81 9.91 -4.89
N ALA A 40 -0.39 9.83 -5.45
CA ALA A 40 -1.58 10.19 -4.69
C ALA A 40 -1.65 9.33 -3.42
N ALA A 41 -1.48 8.04 -3.61
CA ALA A 41 -1.52 7.11 -2.49
C ALA A 41 -0.37 7.42 -1.53
N MET A 42 0.85 7.31 -2.06
CA MET A 42 2.03 7.58 -1.25
C MET A 42 1.83 8.81 -0.37
N ASP A 43 1.31 9.86 -0.99
CA ASP A 43 1.06 11.10 -0.27
C ASP A 43 0.31 10.79 1.03
N TRP A 44 -0.65 9.89 0.92
CA TRP A 44 -1.44 9.50 2.07
C TRP A 44 -0.56 8.64 2.98
N LEU A 45 -0.14 7.50 2.44
CA LEU A 45 0.69 6.58 3.19
C LEU A 45 1.73 7.38 3.98
N MET A 46 2.52 8.14 3.26
CA MET A 46 3.56 8.95 3.87
C MET A 46 2.99 9.77 5.04
N GLU A 47 1.79 10.27 4.84
CA GLU A 47 1.12 11.06 5.86
C GLU A 47 0.76 10.18 7.06
N HIS A 48 0.41 8.93 6.76
CA HIS A 48 0.03 7.99 7.80
C HIS A 48 1.25 7.16 8.19
N GLU A 49 2.40 7.54 7.64
CA GLU A 49 3.64 6.84 7.92
C GLU A 49 3.88 6.77 9.43
N ASP A 50 3.20 7.66 10.14
CA ASP A 50 3.33 7.72 11.59
C ASP A 50 2.47 6.63 12.21
N ASP A 51 1.39 6.29 11.52
CA ASP A 51 0.47 5.27 11.99
C ASP A 51 1.20 3.93 12.05
N PRO A 52 1.26 3.36 13.29
CA PRO A 52 1.92 2.09 13.50
C PRO A 52 1.07 0.93 12.97
N ASP A 53 -0.16 0.87 13.46
CA ASP A 53 -1.08 -0.18 13.04
C ASP A 53 -1.63 0.15 11.65
N VAL A 54 -1.52 1.43 11.29
CA VAL A 54 -1.99 1.88 9.99
C VAL A 54 -3.15 1.00 9.55
N ASP A 55 -2.81 -0.02 8.76
CA ASP A 55 -3.81 -0.94 8.26
C ASP A 55 -3.53 -2.34 8.81
N GLU A 56 -3.69 -2.47 10.12
CA GLU A 56 -3.47 -3.74 10.78
C GLU A 56 -3.99 -4.89 9.91
N PRO A 57 -3.32 -6.07 10.05
CA PRO A 57 -3.71 -7.25 9.30
C PRO A 57 -4.99 -7.87 9.86
N LEU A 58 -5.89 -8.20 8.96
CA LEU A 58 -7.16 -8.80 9.35
C LEU A 58 -7.01 -10.32 9.36
N SER A 59 -6.63 -10.84 10.52
CA SER A 59 -6.46 -12.27 10.67
C SER A 59 -6.19 -12.62 12.13
N GLY A 60 -7.25 -12.98 12.83
CA GLY A 60 -7.15 -13.34 14.23
C GLY A 60 -6.31 -12.31 14.99
N PRO A 61 -5.57 -12.81 16.02
CA PRO A 61 -4.73 -11.96 16.83
C PRO A 61 -3.46 -11.57 16.09
N SER A 62 -3.24 -10.28 15.98
CA SER A 62 -2.07 -9.76 15.29
C SER A 62 -0.93 -9.55 16.28
N SER A 63 0.30 -9.69 15.77
CA SER A 63 1.47 -9.52 16.60
C SER A 63 2.37 -8.43 16.01
N GLY A 64 2.75 -8.62 14.75
CA GLY A 64 3.60 -7.67 14.07
C GLY A 64 3.60 -7.93 12.56
N GLY A 1 20.03 1.41 -7.70
CA GLY A 1 19.80 1.87 -6.34
C GLY A 1 18.94 0.86 -5.56
N SER A 2 17.73 1.32 -5.24
CA SER A 2 16.79 0.49 -4.51
C SER A 2 16.20 -0.58 -5.43
N SER A 3 16.92 -1.69 -5.56
CA SER A 3 16.48 -2.77 -6.41
C SER A 3 16.41 -2.31 -7.87
N GLY A 4 16.68 -3.25 -8.77
CA GLY A 4 16.66 -2.96 -10.19
C GLY A 4 15.28 -3.20 -10.78
N SER A 5 14.42 -2.19 -10.66
CA SER A 5 13.07 -2.28 -11.17
C SER A 5 13.01 -1.72 -12.59
N SER A 6 12.32 -2.44 -13.45
CA SER A 6 12.18 -2.04 -14.84
C SER A 6 10.79 -2.41 -15.36
N GLY A 7 10.11 -1.42 -15.92
CA GLY A 7 8.78 -1.64 -16.46
C GLY A 7 7.97 -2.57 -15.55
N ALA A 8 7.11 -3.36 -16.18
CA ALA A 8 6.28 -4.29 -15.45
C ALA A 8 5.37 -3.52 -14.48
N GLU A 9 4.34 -2.90 -15.06
CA GLU A 9 3.39 -2.13 -14.26
C GLU A 9 2.01 -2.79 -14.29
N LEU A 10 1.82 -3.74 -13.40
CA LEU A 10 0.55 -4.45 -13.31
C LEU A 10 -0.58 -3.42 -13.14
N THR A 11 -0.55 -2.74 -12.00
CA THR A 11 -1.57 -1.74 -11.70
C THR A 11 -1.03 -0.73 -10.69
N ALA A 12 -1.95 0.03 -10.11
CA ALA A 12 -1.59 1.03 -9.13
C ALA A 12 -1.28 0.35 -7.80
N LEU A 13 -2.08 -0.66 -7.49
CA LEU A 13 -1.90 -1.40 -6.25
C LEU A 13 -0.61 -2.21 -6.33
N GLU A 14 -0.55 -3.09 -7.32
CA GLU A 14 0.62 -3.92 -7.51
C GLU A 14 1.90 -3.09 -7.34
N SER A 15 2.01 -2.07 -8.17
CA SER A 15 3.17 -1.20 -8.13
C SER A 15 3.58 -0.95 -6.67
N LEU A 16 2.65 -0.41 -5.91
CA LEU A 16 2.91 -0.12 -4.51
C LEU A 16 3.30 -1.41 -3.79
N ILE A 17 2.61 -2.48 -4.14
CA ILE A 17 2.88 -3.78 -3.54
C ILE A 17 4.32 -4.18 -3.85
N GLU A 18 4.84 -3.63 -4.93
CA GLU A 18 6.20 -3.92 -5.34
C GLU A 18 7.20 -3.13 -4.49
N MET A 19 6.79 -1.93 -4.11
CA MET A 19 7.63 -1.08 -3.29
C MET A 19 7.99 -1.76 -1.96
N GLY A 20 7.25 -2.81 -1.66
CA GLY A 20 7.47 -3.55 -0.44
C GLY A 20 6.26 -3.47 0.49
N PHE A 21 5.39 -2.50 0.20
CA PHE A 21 4.20 -2.29 0.99
C PHE A 21 3.18 -3.42 0.76
N PRO A 22 2.38 -3.70 1.82
CA PRO A 22 1.38 -4.75 1.74
C PRO A 22 0.17 -4.29 0.91
N ARG A 23 -0.63 -5.26 0.50
CA ARG A 23 -1.81 -4.97 -0.29
C ARG A 23 -2.81 -4.14 0.52
N GLY A 24 -3.03 -4.58 1.75
CA GLY A 24 -3.95 -3.88 2.63
C GLY A 24 -3.57 -2.42 2.80
N ARG A 25 -2.26 -2.19 2.76
CA ARG A 25 -1.74 -0.83 2.90
C ARG A 25 -2.08 0.00 1.66
N ALA A 26 -1.44 -0.37 0.55
CA ALA A 26 -1.66 0.33 -0.70
C ALA A 26 -3.16 0.43 -0.98
N GLU A 27 -3.83 -0.70 -0.82
CA GLU A 27 -5.27 -0.75 -1.05
C GLU A 27 -5.98 0.33 -0.22
N LYS A 28 -5.86 0.20 1.09
CA LYS A 28 -6.49 1.16 1.99
C LYS A 28 -6.20 2.58 1.49
N ALA A 29 -4.91 2.87 1.33
CA ALA A 29 -4.49 4.17 0.86
C ALA A 29 -5.19 4.49 -0.47
N LEU A 30 -4.80 3.74 -1.49
CA LEU A 30 -5.39 3.93 -2.80
C LEU A 30 -6.91 4.07 -2.67
N ALA A 31 -7.44 3.40 -1.67
CA ALA A 31 -8.88 3.45 -1.43
C ALA A 31 -9.26 4.82 -0.86
N LEU A 32 -8.52 5.22 0.17
CA LEU A 32 -8.76 6.50 0.81
C LEU A 32 -8.65 7.61 -0.23
N THR A 33 -7.50 7.64 -0.90
CA THR A 33 -7.26 8.64 -1.92
C THR A 33 -8.35 8.60 -3.00
N GLY A 34 -8.79 7.38 -3.29
CA GLY A 34 -9.81 7.18 -4.29
C GLY A 34 -9.20 6.80 -5.64
N ASN A 35 -8.28 5.85 -5.59
CA ASN A 35 -7.61 5.40 -6.80
C ASN A 35 -7.26 6.61 -7.67
N GLN A 36 -6.31 7.39 -7.20
CA GLN A 36 -5.88 8.58 -7.92
C GLN A 36 -4.45 8.40 -8.43
N GLY A 37 -4.02 7.14 -8.45
CA GLY A 37 -2.68 6.82 -8.92
C GLY A 37 -1.77 6.44 -7.74
N ILE A 38 -0.48 6.38 -8.02
CA ILE A 38 0.51 6.05 -7.01
C ILE A 38 0.79 7.28 -6.16
N GLU A 39 1.34 8.30 -6.80
CA GLU A 39 1.67 9.54 -6.12
C GLU A 39 0.58 9.87 -5.08
N ALA A 40 -0.65 9.89 -5.55
CA ALA A 40 -1.77 10.20 -4.68
C ALA A 40 -1.79 9.21 -3.50
N ALA A 41 -1.61 7.94 -3.84
CA ALA A 41 -1.59 6.90 -2.82
C ALA A 41 -0.41 7.14 -1.87
N MET A 42 0.78 7.07 -2.43
CA MET A 42 1.99 7.27 -1.65
C MET A 42 1.85 8.47 -0.72
N ASP A 43 0.98 9.40 -1.13
CA ASP A 43 0.74 10.59 -0.35
C ASP A 43 0.20 10.20 1.03
N TRP A 44 -0.67 9.20 1.03
CA TRP A 44 -1.26 8.72 2.26
C TRP A 44 -0.21 7.90 3.01
N LEU A 45 0.34 6.92 2.31
CA LEU A 45 1.36 6.06 2.90
C LEU A 45 2.48 6.93 3.48
N MET A 46 2.93 7.88 2.68
CA MET A 46 3.98 8.79 3.11
C MET A 46 3.60 9.49 4.42
N GLU A 47 2.44 10.12 4.39
CA GLU A 47 1.95 10.83 5.57
C GLU A 47 1.57 9.85 6.67
N HIS A 48 1.43 8.59 6.27
CA HIS A 48 1.05 7.54 7.21
C HIS A 48 2.27 6.68 7.53
N GLU A 49 3.44 7.23 7.21
CA GLU A 49 4.69 6.53 7.45
C GLU A 49 4.92 6.37 8.96
N ASP A 50 4.58 7.42 9.70
CA ASP A 50 4.74 7.40 11.14
C ASP A 50 3.45 6.88 11.79
N ASP A 51 2.67 6.18 10.99
CA ASP A 51 1.41 5.63 11.48
C ASP A 51 1.64 4.99 12.84
N PRO A 52 0.50 4.66 13.52
CA PRO A 52 0.56 4.05 14.84
C PRO A 52 0.96 2.58 14.73
N ASP A 53 0.74 2.01 13.55
CA ASP A 53 1.06 0.62 13.32
C ASP A 53 0.57 0.22 11.92
N VAL A 54 1.41 0.49 10.92
CA VAL A 54 1.07 0.17 9.56
C VAL A 54 1.55 -1.26 9.24
N ASP A 55 2.55 -1.69 9.99
CA ASP A 55 3.10 -3.02 9.80
C ASP A 55 2.67 -3.91 10.96
N GLU A 56 1.42 -3.77 11.34
CA GLU A 56 0.86 -4.55 12.43
C GLU A 56 1.36 -6.00 12.35
N PRO A 57 1.44 -6.65 13.54
CA PRO A 57 1.90 -8.03 13.60
C PRO A 57 0.81 -8.99 13.12
N LEU A 58 1.24 -9.97 12.34
CA LEU A 58 0.31 -10.95 11.80
C LEU A 58 0.95 -12.35 11.89
N SER A 59 0.93 -12.89 13.09
CA SER A 59 1.50 -14.21 13.32
C SER A 59 2.84 -14.34 12.58
N GLY A 60 3.89 -13.89 13.26
CA GLY A 60 5.22 -13.94 12.69
C GLY A 60 6.20 -13.09 13.49
N PRO A 61 6.95 -13.77 14.40
CA PRO A 61 7.92 -13.10 15.24
C PRO A 61 9.17 -12.73 14.44
N SER A 62 9.61 -11.49 14.62
CA SER A 62 10.79 -11.01 13.93
C SER A 62 12.01 -11.11 14.84
N SER A 63 11.92 -10.45 15.99
CA SER A 63 13.01 -10.46 16.95
C SER A 63 14.30 -9.99 16.28
N GLY A 64 14.59 -8.71 16.43
CA GLY A 64 15.79 -8.13 15.85
C GLY A 64 16.43 -7.13 16.81
#